data_3OJ8
#
_entry.id   3OJ8
#
_cell.length_a   103.299
_cell.length_b   103.299
_cell.length_c   253.355
_cell.angle_alpha   90.00
_cell.angle_beta   90.00
_cell.angle_gamma   120.00
#
_symmetry.space_group_name_H-M   'P 32 2 1'
#
loop_
_entity.id
_entity.type
_entity.pdbx_description
1 polymer 'Fatty-acid amide hydrolase 1'
2 non-polymer (S)-[(2S)-6-phenoxy-1,2,3,4-tetrahydronaphthalen-2-yl](5-pyridin-2-yl-1,3-oxazol-2-yl)methanol
3 non-polymer 'CHLORIDE ION'
4 water water
#
_entity_poly.entity_id   1
_entity_poly.type   'polypeptide(L)'
_entity_poly.pdbx_seq_one_letter_code
;MGSSHHHHHHSSGLVPRGSHMASRWTGRQKARGAATRARQKQRASLETMDKAVQRFRLQNPDLDSEALLTLPLLQLVQKL
QSGELSPEAVFFTYLGKAWEVNKGTNCVTSYLTDCETQLSQAPRQGLLYGVPVSLKECFSYKGHDSTLGLSLNEGMPSES
DCVVVQVLKLQGAVPFVHTNVPQSMFSYDCSNPLFGQTMNPWKSSKSPGGSSGGEGALIGSGGSPLGLGTDIGGSIRFPS
AFCGICGLKPTGNRLSKSGLKGCVYGQTAVQLSLGPMARDVESLALCLKALLCEHLFTLDPTVPPLPFREEVYRSSRPLR
VGYYETDNYTMPSPAMRRALIETKQRLEAAGHTLIPFLPNNIPYALEVLSTGGLFSDGGRSFLQNFKGDFVDPCLGDLIL
ILRLPSWFKRLLSLLLKPLFPRLAAFLNNMRPRSAEKLWKLQHEIEMYRQSVIAQWKAMNLDVLLTPMLGPALDLNTPGR
ATGAVSYTMLYNCLDFPAGVVPVTTVTAEDDAQMELYKGYFGDIWDIILKKAMKNSVGLPVAVQCVALPWQEELCLRFMR
EVEQLMTPQKQPS
;
_entity_poly.pdbx_strand_id   A,B
#
# COMPACT_ATOMS: atom_id res chain seq x y z
N GLY A 27 37.73 -9.13 -17.85
CA GLY A 27 36.70 -8.11 -17.89
C GLY A 27 36.27 -7.60 -16.52
N ARG A 28 37.24 -7.37 -15.63
CA ARG A 28 36.99 -6.86 -14.27
C ARG A 28 37.76 -5.56 -13.99
N GLN A 29 38.31 -4.89 -15.04
CA GLN A 29 39.08 -3.64 -14.87
C GLN A 29 38.27 -2.54 -14.22
N LYS A 30 37.03 -2.32 -14.71
CA LYS A 30 36.12 -1.33 -14.16
C LYS A 30 35.85 -1.65 -12.69
N ALA A 31 35.54 -2.93 -12.41
CA ALA A 31 35.27 -3.43 -11.06
C ALA A 31 36.49 -3.27 -10.16
N ARG A 32 37.71 -3.57 -10.66
CA ARG A 32 38.93 -3.41 -9.88
CA ARG A 32 38.92 -3.41 -9.86
C ARG A 32 39.18 -1.96 -9.51
N GLY A 33 38.97 -1.05 -10.47
CA GLY A 33 39.15 0.38 -10.26
C GLY A 33 38.17 0.95 -9.25
N ALA A 34 36.90 0.47 -9.30
CA ALA A 34 35.85 0.88 -8.38
C ALA A 34 36.24 0.44 -6.95
N ALA A 35 36.76 -0.81 -6.82
CA ALA A 35 37.21 -1.33 -5.51
C ALA A 35 38.40 -0.51 -4.96
N THR A 36 39.37 -0.14 -5.84
CA THR A 36 40.51 0.67 -5.39
C THR A 36 40.04 2.01 -4.88
N ARG A 37 39.15 2.69 -5.62
CA ARG A 37 38.64 4.00 -5.19
C ARG A 37 37.80 3.91 -3.92
N ALA A 38 36.98 2.85 -3.78
CA ALA A 38 36.15 2.66 -2.57
C ALA A 38 37.03 2.50 -1.32
N ARG A 39 38.06 1.63 -1.41
CA ARG A 39 39.01 1.39 -0.31
C ARG A 39 39.77 2.68 0.07
N GLN A 40 40.15 3.52 -0.93
CA GLN A 40 40.80 4.83 -0.73
C GLN A 40 39.89 5.74 0.10
N LYS A 41 38.60 5.86 -0.32
CA LYS A 41 37.61 6.69 0.35
C LYS A 41 37.29 6.19 1.75
N GLN A 42 37.20 4.87 1.94
CA GLN A 42 36.95 4.29 3.26
C GLN A 42 38.15 4.60 4.16
N ARG A 43 39.38 4.36 3.65
CA ARG A 43 40.61 4.63 4.39
C ARG A 43 40.68 6.13 4.78
N ALA A 44 40.35 7.04 3.83
CA ALA A 44 40.40 8.48 4.09
C ALA A 44 39.34 8.92 5.08
N SER A 45 38.14 8.28 5.03
CA SER A 45 37.04 8.56 5.94
C SER A 45 37.48 8.23 7.37
N LEU A 46 38.04 7.04 7.57
CA LEU A 46 38.48 6.59 8.88
C LEU A 46 39.62 7.44 9.43
N GLU A 47 40.50 7.94 8.53
CA GLU A 47 41.61 8.82 8.93
C GLU A 47 41.04 10.17 9.36
N THR A 48 40.00 10.67 8.65
CA THR A 48 39.34 11.94 8.98
C THR A 48 38.69 11.82 10.37
N MET A 49 38.06 10.65 10.65
CA MET A 49 37.41 10.37 11.93
C MET A 49 38.44 10.41 13.04
N ASP A 50 39.53 9.66 12.87
CA ASP A 50 40.61 9.60 13.86
C ASP A 50 41.17 11.00 14.21
N LYS A 51 41.44 11.82 13.18
CA LYS A 51 41.96 13.20 13.32
C LYS A 51 41.00 14.06 14.13
N ALA A 52 39.68 13.98 13.84
CA ALA A 52 38.65 14.73 14.54
C ALA A 52 38.54 14.29 16.01
N VAL A 53 38.65 12.98 16.24
CA VAL A 53 38.60 12.37 17.56
C VAL A 53 39.81 12.77 18.43
N GLN A 54 41.03 12.63 17.88
CA GLN A 54 42.27 12.98 18.60
C GLN A 54 42.30 14.45 19.00
N ARG A 55 41.81 15.34 18.11
CA ARG A 55 41.72 16.77 18.33
C ARG A 55 40.74 17.09 19.47
N PHE A 56 39.56 16.44 19.49
CA PHE A 56 38.58 16.66 20.55
C PHE A 56 39.12 16.19 21.90
N ARG A 57 39.71 14.98 21.92
CA ARG A 57 40.27 14.36 23.12
C ARG A 57 41.37 15.22 23.77
N LEU A 58 42.22 15.86 22.95
CA LEU A 58 43.30 16.76 23.40
C LEU A 58 42.67 17.94 24.14
N GLN A 59 41.58 18.51 23.58
CA GLN A 59 40.85 19.64 24.14
C GLN A 59 39.95 19.31 25.33
N ASN A 60 39.58 18.02 25.50
CA ASN A 60 38.70 17.57 26.58
C ASN A 60 39.25 16.29 27.22
N PRO A 61 40.46 16.30 27.85
CA PRO A 61 41.00 15.05 28.42
C PRO A 61 40.34 14.58 29.70
N ASP A 62 39.52 15.43 30.34
CA ASP A 62 38.85 15.12 31.59
C ASP A 62 37.49 14.40 31.42
N LEU A 63 36.93 14.39 30.19
CA LEU A 63 35.64 13.76 29.86
C LEU A 63 35.59 12.26 30.17
N ASP A 64 34.53 11.83 30.89
CA ASP A 64 34.33 10.42 31.22
C ASP A 64 33.65 9.75 30.02
N SER A 65 34.48 9.27 29.08
CA SER A 65 34.06 8.62 27.83
C SER A 65 33.31 7.30 28.08
N GLU A 66 33.78 6.46 29.01
CA GLU A 66 33.13 5.20 29.34
C GLU A 66 31.73 5.42 29.92
N ALA A 67 31.56 6.41 30.82
CA ALA A 67 30.24 6.73 31.39
C ALA A 67 29.25 7.17 30.32
N LEU A 68 29.69 8.04 29.39
CA LEU A 68 28.85 8.57 28.31
C LEU A 68 28.39 7.42 27.39
N LEU A 69 29.32 6.55 26.97
CA LEU A 69 29.05 5.43 26.06
C LEU A 69 28.11 4.37 26.61
N THR A 70 28.13 4.17 27.93
CA THR A 70 27.29 3.15 28.57
C THR A 70 25.92 3.67 28.92
N LEU A 71 25.67 4.99 28.73
CA LEU A 71 24.36 5.55 29.02
C LEU A 71 23.36 4.98 28.01
N PRO A 72 22.24 4.40 28.50
CA PRO A 72 21.17 3.96 27.57
C PRO A 72 20.69 5.20 26.79
N LEU A 73 20.31 5.01 25.51
CA LEU A 73 19.87 6.12 24.65
C LEU A 73 18.91 7.11 25.30
N LEU A 74 17.86 6.63 26.01
CA LEU A 74 16.90 7.55 26.62
C LEU A 74 17.55 8.49 27.63
N GLN A 75 18.50 7.97 28.44
CA GLN A 75 19.28 8.73 29.41
C GLN A 75 20.17 9.72 28.66
N LEU A 76 20.84 9.25 27.59
CA LEU A 76 21.68 10.09 26.72
C LEU A 76 20.88 11.27 26.17
N VAL A 77 19.67 10.99 25.63
CA VAL A 77 18.75 11.99 25.09
C VAL A 77 18.35 13.03 26.16
N GLN A 78 18.00 12.55 27.38
CA GLN A 78 17.60 13.41 28.49
C GLN A 78 18.72 14.41 28.82
N LYS A 79 19.96 13.90 28.98
CA LYS A 79 21.14 14.72 29.31
C LYS A 79 21.50 15.69 28.20
N LEU A 80 21.22 15.31 26.93
CA LEU A 80 21.45 16.18 25.78
C LEU A 80 20.40 17.29 25.75
N GLN A 81 19.15 16.95 26.12
CA GLN A 81 18.05 17.92 26.14
C GLN A 81 18.21 18.97 27.25
N SER A 82 18.61 18.53 28.46
CA SER A 82 18.84 19.38 29.64
C SER A 82 20.10 20.25 29.56
N GLY A 83 21.08 19.82 28.75
CA GLY A 83 22.35 20.50 28.59
C GLY A 83 23.45 19.95 29.47
N GLU A 84 23.16 18.86 30.22
CA GLU A 84 24.12 18.16 31.08
C GLU A 84 25.27 17.58 30.25
N LEU A 85 24.98 17.14 28.99
CA LEU A 85 26.00 16.71 28.03
C LEU A 85 25.90 17.60 26.79
N SER A 86 27.04 18.03 26.25
CA SER A 86 27.02 18.84 25.04
C SER A 86 26.89 17.92 23.80
N PRO A 87 26.28 18.39 22.68
CA PRO A 87 26.25 17.54 21.46
C PRO A 87 27.66 17.16 20.99
N GLU A 88 28.64 18.08 21.19
CA GLU A 88 30.05 17.87 20.83
C GLU A 88 30.63 16.69 21.59
N ALA A 89 30.45 16.64 22.93
CA ALA A 89 30.94 15.56 23.78
C ALA A 89 30.39 14.19 23.35
N VAL A 90 29.08 14.11 23.12
CA VAL A 90 28.43 12.85 22.74
C VAL A 90 28.91 12.46 21.34
N PHE A 91 28.94 13.41 20.41
CA PHE A 91 29.38 13.17 19.03
C PHE A 91 30.78 12.58 18.93
N PHE A 92 31.79 13.31 19.41
CA PHE A 92 33.17 12.88 19.33
C PHE A 92 33.49 11.65 20.14
N THR A 93 32.79 11.43 21.27
CA THR A 93 32.98 10.21 22.09
C THR A 93 32.48 9.00 21.27
N TYR A 94 31.25 9.08 20.68
CA TYR A 94 30.74 7.99 19.85
C TYR A 94 31.56 7.83 18.58
N LEU A 95 32.08 8.94 18.02
CA LEU A 95 32.93 8.88 16.82
C LEU A 95 34.20 8.08 17.08
N GLY A 96 34.82 8.33 18.22
CA GLY A 96 36.02 7.61 18.65
C GLY A 96 35.74 6.14 18.85
N LYS A 97 34.60 5.82 19.49
CA LYS A 97 34.22 4.44 19.77
C LYS A 97 33.94 3.70 18.45
N ALA A 98 33.21 4.35 17.52
CA ALA A 98 32.92 3.78 16.20
C ALA A 98 34.23 3.48 15.47
N TRP A 99 35.19 4.42 15.54
CA TRP A 99 36.50 4.25 14.90
C TRP A 99 37.23 3.04 15.46
N GLU A 100 37.24 2.91 16.80
CA GLU A 100 37.86 1.79 17.52
C GLU A 100 37.22 0.44 17.24
N VAL A 101 35.87 0.35 17.31
CA VAL A 101 35.18 -0.92 17.06
C VAL A 101 35.31 -1.39 15.62
N ASN A 102 35.42 -0.44 14.67
CA ASN A 102 35.59 -0.73 13.25
C ASN A 102 36.88 -1.52 12.99
N LYS A 103 37.93 -1.29 13.82
CA LYS A 103 39.19 -1.99 13.66
C LYS A 103 39.04 -3.50 13.57
N GLY A 104 38.24 -4.09 14.45
CA GLY A 104 38.01 -5.54 14.46
C GLY A 104 36.76 -6.00 13.74
N THR A 105 35.90 -5.06 13.24
CA THR A 105 34.64 -5.43 12.57
C THR A 105 34.54 -5.03 11.11
N ASN A 106 35.20 -3.93 10.69
CA ASN A 106 35.09 -3.40 9.31
C ASN A 106 33.60 -3.14 8.97
N CYS A 107 32.90 -2.42 9.84
CA CYS A 107 31.48 -2.12 9.67
C CYS A 107 31.25 -0.74 9.02
N VAL A 108 32.27 0.16 9.04
CA VAL A 108 32.14 1.53 8.51
C VAL A 108 32.64 1.63 7.10
N THR A 109 31.78 2.13 6.18
CA THR A 109 32.24 2.33 4.79
C THR A 109 32.62 3.79 4.54
N SER A 110 31.96 4.72 5.23
CA SER A 110 32.13 6.13 4.97
C SER A 110 31.76 6.98 6.17
N TYR A 111 32.51 8.06 6.37
CA TYR A 111 32.26 9.03 7.42
C TYR A 111 31.42 10.11 6.78
N LEU A 112 30.25 10.43 7.35
CA LEU A 112 29.43 11.46 6.73
C LEU A 112 29.97 12.84 7.18
N THR A 113 31.00 13.30 6.43
CA THR A 113 31.82 14.52 6.59
C THR A 113 31.12 15.73 7.22
N ASP A 114 30.00 16.16 6.61
CA ASP A 114 29.21 17.32 7.00
C ASP A 114 28.49 17.20 8.37
N CYS A 115 28.59 16.06 9.07
CA CYS A 115 27.91 15.86 10.37
C CYS A 115 28.31 16.86 11.45
N GLU A 116 29.55 17.39 11.40
CA GLU A 116 30.03 18.39 12.36
C GLU A 116 29.30 19.72 12.14
N THR A 117 28.83 19.97 10.89
CA THR A 117 28.03 21.14 10.51
C THR A 117 26.57 20.94 11.01
N GLN A 118 26.05 19.69 10.92
CA GLN A 118 24.70 19.32 11.39
C GLN A 118 24.63 19.40 12.92
N LEU A 119 25.72 18.99 13.57
CA LEU A 119 25.93 18.96 15.00
C LEU A 119 25.65 20.33 15.62
N SER A 120 26.21 21.40 15.03
CA SER A 120 26.06 22.77 15.50
C SER A 120 24.67 23.34 15.18
N GLN A 121 24.07 22.91 14.06
CA GLN A 121 22.76 23.39 13.61
C GLN A 121 21.56 22.49 13.99
N ALA A 122 21.80 21.43 14.81
CA ALA A 122 20.76 20.47 15.21
C ALA A 122 19.57 21.11 15.98
N PRO A 123 18.31 20.96 15.47
CA PRO A 123 17.15 21.57 16.17
C PRO A 123 17.07 21.17 17.64
N ARG A 124 17.23 22.19 18.51
CA ARG A 124 17.29 22.11 19.97
C ARG A 124 16.11 21.37 20.60
N GLN A 125 14.91 21.51 20.03
CA GLN A 125 13.70 20.88 20.53
C GLN A 125 13.41 19.52 19.87
N GLY A 126 14.30 19.07 18.97
CA GLY A 126 14.15 17.79 18.30
C GLY A 126 14.17 16.65 19.29
N LEU A 127 13.36 15.59 19.03
CA LEU A 127 13.27 14.43 19.91
C LEU A 127 14.55 13.58 19.93
N LEU A 128 15.44 13.77 18.94
CA LEU A 128 16.73 13.07 18.88
C LEU A 128 17.89 14.10 18.91
N TYR A 129 17.64 15.29 19.51
CA TYR A 129 18.67 16.33 19.60
C TYR A 129 20.02 15.80 20.12
N GLY A 130 21.03 15.92 19.28
CA GLY A 130 22.43 15.57 19.54
C GLY A 130 22.77 14.09 19.48
N VAL A 131 21.81 13.25 19.08
CA VAL A 131 22.02 11.81 19.02
C VAL A 131 22.76 11.39 17.74
N PRO A 132 23.98 10.80 17.87
CA PRO A 132 24.68 10.30 16.67
C PRO A 132 23.93 9.06 16.15
N VAL A 133 23.68 9.01 14.84
CA VAL A 133 22.90 7.89 14.26
C VAL A 133 23.70 7.27 13.15
N SER A 134 23.77 5.94 13.12
CA SER A 134 24.47 5.25 12.04
C SER A 134 23.47 4.88 10.96
N LEU A 135 23.90 4.93 9.70
CA LEU A 135 22.97 4.60 8.62
C LEU A 135 23.46 3.47 7.79
N LYS A 136 22.58 2.52 7.48
CA LYS A 136 22.94 1.49 6.53
C LYS A 136 23.29 2.20 5.19
N GLU A 137 24.29 1.71 4.44
CA GLU A 137 24.77 2.34 3.21
C GLU A 137 23.69 2.71 2.18
N CYS A 138 22.57 1.98 2.15
CA CYS A 138 21.47 2.26 1.20
C CYS A 138 20.67 3.55 1.48
N PHE A 139 20.81 4.14 2.69
CA PHE A 139 20.11 5.38 3.03
C PHE A 139 20.86 6.51 2.36
N SER A 140 20.34 6.99 1.22
CA SER A 140 21.01 8.04 0.46
C SER A 140 21.37 9.22 1.32
N TYR A 141 22.62 9.66 1.19
CA TYR A 141 23.14 10.79 1.94
C TYR A 141 23.85 11.72 0.95
N LYS A 142 23.48 13.01 0.95
CA LYS A 142 24.06 13.99 0.01
C LYS A 142 25.59 13.87 -0.11
N GLY A 143 26.07 13.76 -1.36
CA GLY A 143 27.49 13.72 -1.67
C GLY A 143 28.23 12.43 -1.40
N HIS A 144 27.49 11.35 -1.07
CA HIS A 144 28.07 10.05 -0.77
C HIS A 144 27.50 8.98 -1.65
N ASP A 145 28.33 8.01 -2.00
CA ASP A 145 27.83 6.88 -2.78
C ASP A 145 26.95 6.01 -1.90
N SER A 146 26.00 5.29 -2.52
CA SER A 146 25.25 4.21 -1.87
C SER A 146 25.57 3.05 -2.82
N THR A 147 26.75 2.47 -2.66
CA THR A 147 27.24 1.47 -3.60
C THR A 147 26.49 0.15 -3.55
N LEU A 148 26.06 -0.26 -2.36
CA LEU A 148 25.45 -1.58 -2.13
C LEU A 148 26.50 -2.69 -2.44
N GLY A 149 27.78 -2.29 -2.44
CA GLY A 149 28.91 -3.16 -2.74
C GLY A 149 29.05 -3.49 -4.21
N LEU A 150 28.35 -2.73 -5.08
CA LEU A 150 28.33 -2.96 -6.52
C LEU A 150 29.17 -1.93 -7.23
N SER A 151 30.07 -2.41 -8.13
CA SER A 151 30.95 -1.55 -8.93
CA SER A 151 30.95 -1.54 -8.91
C SER A 151 30.16 -0.48 -9.67
N LEU A 152 28.98 -0.86 -10.24
CA LEU A 152 28.17 0.09 -11.00
C LEU A 152 27.68 1.31 -10.23
N ASN A 153 27.66 1.23 -8.89
CA ASN A 153 27.21 2.34 -8.06
C ASN A 153 28.35 3.15 -7.46
N GLU A 154 29.60 2.77 -7.75
CA GLU A 154 30.77 3.49 -7.23
C GLU A 154 30.97 4.78 -8.06
N GLY A 155 31.29 5.88 -7.38
CA GLY A 155 31.47 7.18 -8.02
C GLY A 155 30.18 7.75 -8.56
N MET A 156 29.05 7.46 -7.88
CA MET A 156 27.69 7.96 -8.22
C MET A 156 27.13 8.58 -6.93
N PRO A 157 27.63 9.76 -6.49
CA PRO A 157 27.18 10.31 -5.20
C PRO A 157 25.72 10.76 -5.22
N SER A 158 25.01 10.56 -4.09
CA SER A 158 23.61 10.99 -4.00
CA SER A 158 23.61 10.99 -4.00
C SER A 158 23.54 12.51 -4.12
N GLU A 159 22.50 13.02 -4.80
CA GLU A 159 22.28 14.45 -4.99
C GLU A 159 21.69 15.03 -3.71
N SER A 160 21.04 14.17 -2.88
CA SER A 160 20.38 14.64 -1.66
C SER A 160 20.22 13.54 -0.60
N ASP A 161 19.88 13.94 0.62
CA ASP A 161 19.59 13.02 1.69
C ASP A 161 18.23 12.43 1.40
N CYS A 162 18.04 11.12 1.72
CA CYS A 162 16.73 10.52 1.56
C CYS A 162 15.81 11.08 2.64
N VAL A 163 14.49 10.91 2.47
CA VAL A 163 13.49 11.45 3.38
C VAL A 163 13.73 11.14 4.86
N VAL A 164 13.95 9.85 5.21
CA VAL A 164 14.17 9.50 6.61
C VAL A 164 15.39 10.22 7.20
N VAL A 165 16.45 10.40 6.41
CA VAL A 165 17.65 11.12 6.84
C VAL A 165 17.28 12.60 7.09
N GLN A 166 16.48 13.19 6.18
CA GLN A 166 16.04 14.58 6.35
C GLN A 166 15.26 14.71 7.66
N VAL A 167 14.40 13.69 7.97
CA VAL A 167 13.55 13.71 9.17
C VAL A 167 14.43 13.56 10.42
N LEU A 168 15.41 12.64 10.37
CA LEU A 168 16.33 12.46 11.51
C LEU A 168 16.98 13.79 11.87
N LYS A 169 17.41 14.52 10.86
CA LYS A 169 18.11 15.81 11.02
C LYS A 169 17.15 16.86 11.56
N LEU A 170 15.89 16.87 11.05
CA LEU A 170 14.85 17.78 11.53
C LEU A 170 14.54 17.51 12.99
N GLN A 171 14.73 16.25 13.42
CA GLN A 171 14.57 15.82 14.83
C GLN A 171 15.86 16.02 15.68
N GLY A 172 16.86 16.69 15.11
CA GLY A 172 18.12 17.02 15.79
C GLY A 172 19.17 15.94 15.85
N ALA A 173 18.91 14.78 15.21
CA ALA A 173 19.87 13.67 15.20
C ALA A 173 21.05 14.01 14.32
N VAL A 174 22.17 13.32 14.57
CA VAL A 174 23.38 13.57 13.79
C VAL A 174 23.83 12.27 13.04
N PRO A 175 23.34 12.03 11.81
CA PRO A 175 23.82 10.87 11.04
C PRO A 175 25.33 11.01 10.82
N PHE A 176 26.11 10.00 11.19
CA PHE A 176 27.57 10.18 11.15
C PHE A 176 28.35 9.19 10.31
N VAL A 177 27.79 7.98 10.07
CA VAL A 177 28.48 6.96 9.27
C VAL A 177 27.54 6.21 8.35
N HIS A 178 28.09 5.70 7.24
CA HIS A 178 27.44 4.73 6.36
C HIS A 178 28.06 3.41 6.79
N THR A 179 27.23 2.38 6.97
CA THR A 179 27.69 1.06 7.41
C THR A 179 27.56 0.04 6.32
N ASN A 180 28.45 -0.95 6.35
CA ASN A 180 28.59 -1.98 5.34
C ASN A 180 27.38 -2.89 5.15
N VAL A 181 27.22 -3.40 3.91
CA VAL A 181 26.18 -4.35 3.53
C VAL A 181 26.78 -5.43 2.65
N PRO A 182 26.19 -6.65 2.58
CA PRO A 182 26.67 -7.64 1.60
C PRO A 182 26.31 -7.11 0.19
N GLN A 183 27.12 -7.47 -0.79
CA GLN A 183 26.91 -7.04 -2.17
C GLN A 183 25.46 -7.27 -2.65
N SER A 184 24.77 -6.19 -3.15
CA SER A 184 23.36 -6.16 -3.65
C SER A 184 22.30 -6.17 -2.56
N MET A 185 22.69 -6.52 -1.31
CA MET A 185 21.80 -6.65 -0.12
C MET A 185 20.87 -7.88 -0.11
N PHE A 186 20.92 -8.76 -1.13
CA PHE A 186 20.10 -9.97 -1.20
C PHE A 186 20.87 -11.08 -0.44
N SER A 187 21.08 -10.87 0.86
CA SER A 187 21.96 -11.73 1.66
C SER A 187 21.78 -11.46 3.13
N TYR A 188 21.96 -12.49 3.94
CA TYR A 188 22.00 -12.28 5.38
C TYR A 188 23.41 -12.46 5.95
N ASP A 189 24.41 -12.28 5.08
CA ASP A 189 25.81 -12.21 5.50
C ASP A 189 26.21 -10.73 5.30
N CYS A 190 27.52 -10.38 5.34
CA CYS A 190 27.87 -8.96 5.21
C CYS A 190 29.25 -8.65 4.54
N SER A 191 29.43 -9.12 3.31
CA SER A 191 30.64 -8.86 2.55
C SER A 191 30.34 -8.39 1.13
N ASN A 192 31.17 -7.50 0.60
CA ASN A 192 31.11 -7.07 -0.79
C ASN A 192 32.54 -6.89 -1.33
N PRO A 193 32.75 -6.91 -2.67
CA PRO A 193 34.12 -6.76 -3.20
C PRO A 193 34.70 -5.35 -3.09
N LEU A 194 33.90 -4.34 -2.62
CA LEU A 194 34.39 -2.95 -2.48
C LEU A 194 35.00 -2.67 -1.11
N PHE A 195 34.21 -2.88 -0.05
CA PHE A 195 34.66 -2.61 1.33
C PHE A 195 35.07 -3.86 2.07
N GLY A 196 34.88 -5.01 1.45
CA GLY A 196 35.25 -6.25 2.13
C GLY A 196 34.18 -6.77 3.04
N GLN A 197 34.62 -7.67 3.94
CA GLN A 197 33.82 -8.43 4.88
CA GLN A 197 33.79 -8.42 4.89
C GLN A 197 33.67 -7.77 6.26
N THR A 198 32.42 -7.68 6.75
CA THR A 198 32.13 -7.17 8.10
C THR A 198 32.10 -8.42 9.00
N MET A 199 32.66 -8.32 10.20
CA MET A 199 32.73 -9.44 11.13
C MET A 199 31.88 -9.17 12.36
N ASN A 200 31.38 -10.23 12.95
CA ASN A 200 30.57 -10.11 14.16
C ASN A 200 31.49 -9.61 15.32
N PRO A 201 31.07 -8.60 16.13
CA PRO A 201 31.95 -8.15 17.23
C PRO A 201 32.09 -9.15 18.37
N TRP A 202 31.26 -10.20 18.39
CA TRP A 202 31.34 -11.21 19.44
C TRP A 202 32.37 -12.26 19.11
N LYS A 203 32.61 -12.53 17.82
CA LYS A 203 33.51 -13.59 17.37
C LYS A 203 33.83 -13.28 15.95
N SER A 204 35.12 -13.03 15.66
CA SER A 204 35.58 -12.64 14.31
CA SER A 204 35.60 -12.65 14.32
C SER A 204 35.32 -13.66 13.21
N SER A 205 35.19 -14.95 13.53
CA SER A 205 34.94 -15.97 12.52
C SER A 205 33.43 -16.02 12.18
N LYS A 206 32.61 -15.25 12.89
CA LYS A 206 31.15 -15.23 12.70
C LYS A 206 30.65 -14.09 11.88
N SER A 207 29.52 -14.31 11.21
CA SER A 207 28.84 -13.30 10.42
C SER A 207 28.15 -12.36 11.38
N PRO A 208 28.12 -11.04 11.08
CA PRO A 208 27.31 -10.13 11.91
C PRO A 208 25.84 -10.19 11.47
N GLY A 209 25.52 -11.05 10.50
CA GLY A 209 24.17 -11.10 9.95
C GLY A 209 24.09 -10.06 8.85
N GLY A 210 22.92 -9.94 8.24
CA GLY A 210 22.76 -8.97 7.17
C GLY A 210 21.33 -8.96 6.66
N SER A 211 21.01 -8.12 5.66
CA SER A 211 21.99 -7.22 5.02
C SER A 211 22.42 -5.99 5.86
N SER A 212 21.71 -5.66 6.95
CA SER A 212 22.13 -4.49 7.77
C SER A 212 23.24 -4.92 8.77
N GLY A 213 24.24 -5.63 8.27
CA GLY A 213 25.33 -6.19 9.06
C GLY A 213 26.24 -5.17 9.70
N GLY A 214 26.59 -4.12 8.95
CA GLY A 214 27.42 -3.02 9.44
C GLY A 214 26.75 -2.36 10.62
N GLU A 215 25.41 -2.13 10.55
CA GLU A 215 24.65 -1.57 11.67
C GLU A 215 24.69 -2.51 12.89
N GLY A 216 24.46 -3.81 12.68
CA GLY A 216 24.49 -4.81 13.74
C GLY A 216 25.84 -4.85 14.45
N ALA A 217 26.93 -4.90 13.68
CA ALA A 217 28.29 -4.95 14.25
C ALA A 217 28.62 -3.65 14.99
N LEU A 218 28.24 -2.49 14.44
CA LEU A 218 28.52 -1.17 15.04
C LEU A 218 27.77 -0.93 16.34
N ILE A 219 26.46 -1.11 16.34
CA ILE A 219 25.61 -0.89 17.51
C ILE A 219 25.92 -1.98 18.55
N GLY A 220 26.10 -3.21 18.08
CA GLY A 220 26.36 -4.39 18.91
C GLY A 220 27.65 -4.29 19.71
N SER A 221 28.59 -3.46 19.25
CA SER A 221 29.88 -3.25 19.92
C SER A 221 29.95 -1.88 20.62
N GLY A 222 28.83 -1.16 20.62
CA GLY A 222 28.72 0.12 21.32
C GLY A 222 29.15 1.34 20.57
N GLY A 223 29.42 1.19 19.27
CA GLY A 223 29.88 2.27 18.39
C GLY A 223 28.83 3.24 17.90
N SER A 224 27.55 2.96 18.16
CA SER A 224 26.41 3.79 17.77
C SER A 224 25.22 3.49 18.68
N PRO A 225 24.50 4.51 19.18
CA PRO A 225 23.35 4.22 20.05
C PRO A 225 22.06 3.94 19.27
N LEU A 226 22.05 4.24 17.95
CA LEU A 226 20.84 4.11 17.13
C LEU A 226 21.22 4.08 15.67
N GLY A 227 20.61 3.16 14.94
CA GLY A 227 20.83 3.04 13.51
C GLY A 227 19.55 2.73 12.77
N LEU A 228 19.60 2.85 11.44
CA LEU A 228 18.48 2.49 10.57
C LEU A 228 18.94 1.41 9.64
N GLY A 229 18.07 0.42 9.44
CA GLY A 229 18.33 -0.66 8.50
C GLY A 229 17.13 -0.87 7.59
N THR A 230 17.21 -1.83 6.68
CA THR A 230 16.07 -2.14 5.78
C THR A 230 15.96 -3.66 5.81
N ASP A 231 14.79 -4.17 5.43
CA ASP A 231 14.49 -5.59 5.54
C ASP A 231 13.44 -6.03 4.51
N ILE A 232 13.79 -6.99 3.68
CA ILE A 232 12.86 -7.64 2.73
C ILE A 232 12.74 -9.15 3.03
N GLY A 233 13.72 -9.72 3.72
CA GLY A 233 13.70 -11.14 4.07
C GLY A 233 14.22 -11.46 5.46
N GLY A 234 14.49 -10.40 6.21
CA GLY A 234 15.01 -10.45 7.58
C GLY A 234 16.21 -9.55 7.83
N SER A 235 16.53 -8.65 6.88
CA SER A 235 17.74 -7.82 6.95
C SER A 235 17.95 -6.88 8.12
N ILE A 236 16.91 -6.62 8.90
CA ILE A 236 17.06 -5.84 10.14
C ILE A 236 17.21 -6.88 11.27
N ARG A 237 16.44 -7.96 11.16
CA ARG A 237 16.32 -8.97 12.19
C ARG A 237 17.52 -9.87 12.33
N PHE A 238 18.06 -10.43 11.23
CA PHE A 238 19.27 -11.24 11.29
C PHE A 238 20.43 -10.50 11.96
N PRO A 239 20.83 -9.29 11.54
CA PRO A 239 22.00 -8.67 12.22
C PRO A 239 21.70 -8.26 13.66
N SER A 240 20.46 -7.91 13.97
CA SER A 240 20.13 -7.53 15.36
C SER A 240 20.26 -8.77 16.25
N ALA A 241 19.72 -9.91 15.78
CA ALA A 241 19.80 -11.16 16.53
C ALA A 241 21.24 -11.65 16.63
N PHE A 242 21.99 -11.63 15.50
CA PHE A 242 23.36 -12.17 15.46
C PHE A 242 24.33 -11.39 16.31
N CYS A 243 24.08 -10.08 16.45
CA CYS A 243 24.93 -9.15 17.19
C CYS A 243 24.40 -8.82 18.58
N GLY A 244 23.28 -9.42 18.99
CA GLY A 244 22.73 -9.19 20.34
C GLY A 244 22.16 -7.82 20.60
N ILE A 245 21.47 -7.23 19.58
CA ILE A 245 20.81 -5.92 19.74
C ILE A 245 19.32 -6.05 19.35
N CYS A 246 18.54 -4.99 19.60
CA CYS A 246 17.10 -4.96 19.24
C CYS A 246 16.93 -4.35 17.85
N GLY A 247 15.93 -4.83 17.11
CA GLY A 247 15.63 -4.32 15.78
C GLY A 247 14.15 -4.50 15.53
N LEU A 248 13.56 -3.56 14.79
CA LEU A 248 12.14 -3.63 14.42
C LEU A 248 11.98 -3.43 12.94
N LYS A 249 11.27 -4.37 12.29
CA LYS A 249 10.90 -4.24 10.90
C LYS A 249 9.37 -3.89 10.87
N PRO A 250 9.01 -2.61 10.67
CA PRO A 250 7.58 -2.25 10.65
C PRO A 250 6.90 -2.82 9.43
N THR A 251 5.59 -2.58 9.31
CA THR A 251 4.83 -2.86 8.10
C THR A 251 5.54 -2.01 7.02
N GLY A 252 5.63 -2.56 5.81
CA GLY A 252 6.32 -1.95 4.68
C GLY A 252 6.11 -0.45 4.52
N ASN A 253 4.85 -0.02 4.52
CA ASN A 253 4.61 1.39 4.25
C ASN A 253 4.41 2.27 5.50
N ARG A 254 4.91 1.83 6.69
CA ARG A 254 4.78 2.69 7.89
C ARG A 254 5.74 3.90 7.82
N LEU A 255 6.91 3.71 7.19
CA LEU A 255 7.98 4.72 7.06
C LEU A 255 8.34 4.93 5.61
N SER A 256 8.80 6.14 5.26
CA SER A 256 9.13 6.50 3.88
C SER A 256 10.36 5.79 3.33
N LYS A 257 10.25 5.22 2.13
CA LYS A 257 11.38 4.61 1.42
C LYS A 257 11.89 5.54 0.30
N SER A 258 11.43 6.80 0.31
CA SER A 258 11.83 7.76 -0.69
C SER A 258 13.34 8.06 -0.54
N GLY A 259 14.07 7.88 -1.63
CA GLY A 259 15.52 8.12 -1.64
C GLY A 259 16.38 6.95 -1.22
N LEU A 260 15.79 5.81 -0.88
CA LEU A 260 16.53 4.63 -0.52
C LEU A 260 17.11 4.05 -1.80
N LYS A 261 18.38 3.66 -1.77
CA LYS A 261 19.05 3.06 -2.89
C LYS A 261 18.78 1.56 -2.90
N GLY A 262 18.34 1.06 -4.02
CA GLY A 262 18.07 -0.38 -4.16
C GLY A 262 18.66 -0.88 -5.44
N CYS A 263 18.71 -2.19 -5.64
CA CYS A 263 19.26 -2.68 -6.89
C CYS A 263 18.20 -3.29 -7.81
N VAL A 264 16.95 -3.40 -7.33
CA VAL A 264 15.82 -3.91 -8.10
C VAL A 264 14.67 -2.97 -7.79
N TYR A 265 14.03 -2.45 -8.84
CA TYR A 265 12.91 -1.54 -8.64
C TYR A 265 11.63 -2.03 -9.29
N GLY A 266 10.51 -1.69 -8.68
CA GLY A 266 9.17 -2.03 -9.16
C GLY A 266 8.64 -3.37 -8.70
N GLN A 267 9.41 -4.10 -7.90
CA GLN A 267 8.90 -5.38 -7.37
C GLN A 267 8.03 -4.96 -6.15
N THR A 268 6.70 -5.20 -6.19
CA THR A 268 5.81 -4.78 -5.09
C THR A 268 5.07 -5.91 -4.39
N ALA A 269 5.28 -7.16 -4.83
CA ALA A 269 4.66 -8.34 -4.27
C ALA A 269 5.08 -8.52 -2.80
N VAL A 270 6.40 -8.36 -2.52
CA VAL A 270 6.96 -8.41 -1.17
C VAL A 270 7.54 -7.01 -0.97
N GLN A 271 6.91 -6.21 -0.11
CA GLN A 271 7.33 -4.82 0.13
C GLN A 271 8.59 -4.76 0.96
N LEU A 272 9.43 -3.76 0.69
CA LEU A 272 10.62 -3.53 1.48
C LEU A 272 10.18 -2.71 2.71
N SER A 273 10.85 -2.92 3.85
CA SER A 273 10.53 -2.12 5.04
C SER A 273 11.83 -1.54 5.58
N LEU A 274 11.76 -0.42 6.31
CA LEU A 274 12.96 0.19 6.91
C LEU A 274 12.59 0.37 8.37
N GLY A 275 13.59 0.33 9.24
CA GLY A 275 13.29 0.47 10.66
C GLY A 275 14.52 0.59 11.54
N PRO A 276 14.29 0.85 12.84
CA PRO A 276 15.43 1.10 13.74
C PRO A 276 16.11 -0.14 14.29
N MET A 277 17.38 0.07 14.70
CA MET A 277 18.23 -0.92 15.34
C MET A 277 18.89 -0.21 16.50
N ALA A 278 18.91 -0.84 17.68
CA ALA A 278 19.45 -0.13 18.85
C ALA A 278 19.68 -1.15 19.95
N ARG A 279 20.21 -0.68 21.10
CA ARG A 279 20.57 -1.62 22.18
C ARG A 279 19.41 -2.10 23.01
N ASP A 280 18.28 -1.39 22.94
CA ASP A 280 17.11 -1.72 23.75
C ASP A 280 15.83 -1.37 22.97
N VAL A 281 14.68 -1.83 23.49
CA VAL A 281 13.38 -1.62 22.84
C VAL A 281 12.97 -0.15 22.91
N GLU A 282 13.20 0.51 24.06
CA GLU A 282 12.85 1.92 24.27
C GLU A 282 13.42 2.84 23.20
N SER A 283 14.66 2.56 22.76
CA SER A 283 15.30 3.31 21.68
C SER A 283 14.57 3.17 20.35
N LEU A 284 14.08 1.94 20.05
CA LEU A 284 13.33 1.70 18.82
C LEU A 284 12.05 2.49 18.82
N ALA A 285 11.33 2.49 19.97
CA ALA A 285 10.08 3.23 20.15
C ALA A 285 10.34 4.74 20.04
N LEU A 286 11.48 5.26 20.58
CA LEU A 286 11.81 6.70 20.46
C LEU A 286 12.07 7.03 19.00
N CYS A 287 12.87 6.20 18.32
CA CYS A 287 13.18 6.43 16.91
C CYS A 287 11.90 6.46 16.07
N LEU A 288 11.01 5.45 16.25
CA LEU A 288 9.74 5.42 15.50
C LEU A 288 8.95 6.68 15.79
N LYS A 289 8.81 7.02 17.09
CA LYS A 289 8.08 8.21 17.52
C LYS A 289 8.62 9.48 16.85
N ALA A 290 9.95 9.60 16.79
CA ALA A 290 10.62 10.74 16.17
C ALA A 290 10.37 10.74 14.66
N LEU A 291 10.39 9.55 14.02
CA LEU A 291 10.19 9.46 12.57
C LEU A 291 8.75 9.68 12.15
N LEU A 292 7.78 9.24 12.96
CA LEU A 292 6.36 9.40 12.62
C LEU A 292 5.84 10.82 13.00
N CYS A 293 6.33 11.81 12.28
CA CYS A 293 6.00 13.21 12.56
C CYS A 293 5.52 13.87 11.29
N GLU A 294 4.94 15.08 11.42
CA GLU A 294 4.44 15.84 10.29
C GLU A 294 5.50 16.00 9.20
N HIS A 295 6.78 16.17 9.58
CA HIS A 295 7.87 16.32 8.64
C HIS A 295 7.93 15.13 7.67
N LEU A 296 7.85 13.90 8.19
CA LEU A 296 7.90 12.72 7.28
C LEU A 296 6.68 12.67 6.38
N PHE A 297 5.52 12.83 6.97
CA PHE A 297 4.22 12.75 6.29
C PHE A 297 4.09 13.80 5.20
N THR A 298 4.69 15.00 5.37
CA THR A 298 4.67 16.07 4.38
CA THR A 298 4.63 16.02 4.32
C THR A 298 5.70 15.78 3.30
N LEU A 299 6.90 15.33 3.72
CA LEU A 299 7.98 15.03 2.77
C LEU A 299 7.62 13.85 1.88
N ASP A 300 6.87 12.87 2.42
CA ASP A 300 6.43 11.73 1.62
C ASP A 300 4.96 11.45 1.88
N PRO A 301 4.10 12.14 1.10
CA PRO A 301 2.65 11.97 1.24
C PRO A 301 2.14 10.55 0.95
N THR A 302 2.97 9.67 0.34
CA THR A 302 2.54 8.28 0.03
C THR A 302 2.46 7.41 1.29
N VAL A 303 3.04 7.91 2.39
CA VAL A 303 3.07 7.20 3.68
C VAL A 303 1.82 7.61 4.46
N PRO A 304 1.01 6.62 4.90
CA PRO A 304 -0.18 6.98 5.70
C PRO A 304 0.25 7.77 6.94
N PRO A 305 -0.40 8.92 7.22
CA PRO A 305 0.03 9.75 8.37
C PRO A 305 -0.43 9.19 9.71
N LEU A 306 0.11 8.03 10.09
CA LEU A 306 -0.26 7.36 11.35
C LEU A 306 0.70 7.82 12.44
N PRO A 307 0.29 8.66 13.40
CA PRO A 307 1.25 9.08 14.44
C PRO A 307 1.55 7.90 15.35
N PHE A 308 2.67 7.97 16.07
CA PHE A 308 3.04 6.95 17.04
C PHE A 308 2.02 6.96 18.16
N ARG A 309 1.29 5.86 18.34
CA ARG A 309 0.25 5.79 19.38
C ARG A 309 0.88 5.41 20.71
N GLU A 310 1.26 6.44 21.47
CA GLU A 310 1.93 6.29 22.76
C GLU A 310 1.14 5.43 23.74
N GLU A 311 -0.19 5.56 23.76
CA GLU A 311 -1.06 4.80 24.66
C GLU A 311 -1.03 3.29 24.39
N VAL A 312 -0.84 2.90 23.11
CA VAL A 312 -0.77 1.48 22.78
C VAL A 312 0.60 0.98 23.24
N TYR A 313 1.66 1.73 22.93
CA TYR A 313 3.01 1.33 23.30
C TYR A 313 3.19 1.22 24.84
N ARG A 314 2.60 2.16 25.59
CA ARG A 314 2.71 2.21 27.04
C ARG A 314 1.77 1.28 27.77
N SER A 315 0.81 0.63 27.06
CA SER A 315 -0.13 -0.25 27.75
C SER A 315 0.55 -1.41 28.43
N SER A 316 -0.03 -1.86 29.53
CA SER A 316 0.51 -2.97 30.30
C SER A 316 -0.54 -4.06 30.53
N ARG A 317 -1.51 -4.16 29.62
CA ARG A 317 -2.60 -5.15 29.71
C ARG A 317 -2.08 -6.55 29.41
N PRO A 318 -2.62 -7.59 30.06
CA PRO A 318 -2.19 -8.96 29.76
C PRO A 318 -2.44 -9.29 28.30
N LEU A 319 -1.51 -10.02 27.66
CA LEU A 319 -1.60 -10.34 26.23
C LEU A 319 -1.94 -11.77 25.92
N ARG A 320 -2.64 -11.99 24.80
CA ARG A 320 -2.88 -13.33 24.24
C ARG A 320 -1.76 -13.45 23.21
N VAL A 321 -0.76 -14.22 23.58
CA VAL A 321 0.46 -14.42 22.81
C VAL A 321 0.42 -15.77 22.12
N GLY A 322 0.37 -15.74 20.79
CA GLY A 322 0.48 -16.98 20.02
C GLY A 322 1.95 -17.35 20.06
N TYR A 323 2.30 -18.63 19.94
CA TYR A 323 3.73 -19.00 19.92
C TYR A 323 3.93 -20.31 19.21
N TYR A 324 5.15 -20.50 18.70
CA TYR A 324 5.61 -21.74 18.10
C TYR A 324 7.07 -21.93 18.42
N GLU A 325 7.47 -23.19 18.67
CA GLU A 325 8.84 -23.55 19.05
C GLU A 325 9.68 -23.77 17.83
N THR A 326 9.00 -24.04 16.72
CA THR A 326 9.58 -24.37 15.44
C THR A 326 8.57 -24.04 14.36
N ASP A 327 9.07 -23.72 13.15
CA ASP A 327 8.17 -23.47 12.01
C ASP A 327 8.05 -24.72 11.14
N ASN A 328 8.63 -25.86 11.59
CA ASN A 328 8.62 -27.14 10.84
C ASN A 328 9.29 -27.00 9.49
N TYR A 329 10.18 -25.99 9.35
CA TYR A 329 10.84 -25.71 8.09
C TYR A 329 12.34 -25.59 8.34
N THR A 330 12.73 -24.71 9.28
CA THR A 330 14.13 -24.64 9.70
C THR A 330 14.14 -25.19 11.13
N MET A 331 14.78 -26.36 11.35
CA MET A 331 14.86 -26.89 12.71
CA MET A 331 14.88 -26.92 12.70
C MET A 331 15.57 -25.87 13.56
N PRO A 332 15.00 -25.45 14.74
CA PRO A 332 15.70 -24.44 15.53
C PRO A 332 16.96 -25.04 16.14
N SER A 333 17.98 -24.22 16.37
CA SER A 333 19.16 -24.70 17.08
C SER A 333 18.66 -24.94 18.53
N PRO A 334 19.31 -25.82 19.35
CA PRO A 334 18.87 -25.96 20.75
C PRO A 334 18.79 -24.64 21.51
N ALA A 335 19.72 -23.71 21.28
CA ALA A 335 19.68 -22.39 21.92
C ALA A 335 18.42 -21.61 21.49
N MET A 336 18.06 -21.65 20.19
CA MET A 336 16.84 -20.96 19.66
C MET A 336 15.62 -21.51 20.36
N ARG A 337 15.54 -22.86 20.47
CA ARG A 337 14.41 -23.53 21.10
C ARG A 337 14.32 -23.19 22.57
N ARG A 338 15.46 -23.19 23.29
CA ARG A 338 15.49 -22.84 24.70
C ARG A 338 15.08 -21.40 24.93
N ALA A 339 15.59 -20.46 24.10
CA ALA A 339 15.29 -19.04 24.16
C ALA A 339 13.78 -18.86 24.04
N LEU A 340 13.18 -19.57 23.08
CA LEU A 340 11.73 -19.49 22.83
C LEU A 340 10.96 -20.02 24.04
N ILE A 341 11.26 -21.25 24.49
CA ILE A 341 10.57 -21.86 25.63
C ILE A 341 10.70 -21.01 26.90
N GLU A 342 11.91 -20.55 27.25
CA GLU A 342 12.09 -19.73 28.46
C GLU A 342 11.27 -18.45 28.43
N THR A 343 11.26 -17.75 27.28
CA THR A 343 10.52 -16.52 27.08
C THR A 343 9.01 -16.81 27.26
N LYS A 344 8.54 -17.92 26.67
CA LYS A 344 7.12 -18.34 26.77
C LYS A 344 6.77 -18.54 28.27
N GLN A 345 7.62 -19.27 29.01
CA GLN A 345 7.44 -19.55 30.44
C GLN A 345 7.43 -18.29 31.29
N ARG A 346 8.36 -17.34 31.01
CA ARG A 346 8.41 -16.06 31.73
C ARG A 346 7.17 -15.23 31.45
N LEU A 347 6.70 -15.22 30.19
CA LEU A 347 5.47 -14.52 29.81
C LEU A 347 4.26 -15.09 30.55
N GLU A 348 4.09 -16.44 30.56
CA GLU A 348 3.00 -17.09 31.32
C GLU A 348 3.06 -16.72 32.79
N ALA A 349 4.26 -16.76 33.40
CA ALA A 349 4.46 -16.40 34.81
C ALA A 349 4.07 -14.93 35.09
N ALA A 350 4.20 -14.05 34.06
CA ALA A 350 3.81 -12.65 34.21
C ALA A 350 2.31 -12.41 33.88
N GLY A 351 1.53 -13.47 33.68
CA GLY A 351 0.09 -13.33 33.45
C GLY A 351 -0.42 -13.27 32.02
N HIS A 352 0.44 -13.53 31.05
CA HIS A 352 0.01 -13.57 29.66
C HIS A 352 -0.47 -14.96 29.32
N THR A 353 -1.36 -15.05 28.31
CA THR A 353 -1.88 -16.33 27.84
C THR A 353 -1.11 -16.77 26.61
N LEU A 354 -0.45 -17.93 26.73
CA LEU A 354 0.37 -18.45 25.67
C LEU A 354 -0.37 -19.51 24.93
N ILE A 355 -0.62 -19.23 23.64
CA ILE A 355 -1.46 -20.07 22.79
C ILE A 355 -0.64 -20.71 21.70
N PRO A 356 -0.57 -22.07 21.59
CA PRO A 356 0.14 -22.69 20.45
C PRO A 356 -0.43 -22.19 19.11
N PHE A 357 0.43 -21.64 18.26
CA PHE A 357 -0.04 -21.08 16.97
C PHE A 357 1.06 -21.13 15.92
N LEU A 358 0.72 -21.60 14.73
CA LEU A 358 1.68 -21.62 13.63
C LEU A 358 0.98 -21.17 12.36
N PRO A 359 1.43 -20.07 11.72
CA PRO A 359 0.80 -19.67 10.44
C PRO A 359 0.76 -20.86 9.49
N ASN A 360 -0.39 -21.05 8.81
CA ASN A 360 -0.58 -22.17 7.90
C ASN A 360 0.25 -21.98 6.64
N ASN A 361 0.57 -23.10 5.97
CA ASN A 361 1.22 -23.06 4.67
C ASN A 361 2.51 -22.23 4.56
N ILE A 362 3.37 -22.36 5.56
CA ILE A 362 4.70 -21.74 5.56
C ILE A 362 5.53 -22.18 4.35
N PRO A 363 5.58 -23.50 3.94
CA PRO A 363 6.35 -23.85 2.73
C PRO A 363 5.95 -23.06 1.49
N TYR A 364 4.65 -22.92 1.27
CA TYR A 364 4.10 -22.13 0.17
C TYR A 364 4.47 -20.63 0.33
N ALA A 365 4.34 -20.08 1.54
CA ALA A 365 4.67 -18.66 1.76
C ALA A 365 6.14 -18.37 1.36
N LEU A 366 7.05 -19.29 1.67
CA LEU A 366 8.49 -19.13 1.41
C LEU A 366 8.90 -19.48 0.00
N GLU A 367 8.50 -20.67 -0.45
CA GLU A 367 8.91 -21.21 -1.73
C GLU A 367 8.21 -20.58 -2.90
N VAL A 368 6.91 -20.32 -2.76
CA VAL A 368 6.11 -19.81 -3.87
C VAL A 368 5.94 -18.27 -3.80
N LEU A 369 5.34 -17.78 -2.73
CA LEU A 369 5.02 -16.37 -2.61
C LEU A 369 6.25 -15.49 -2.43
N SER A 370 7.09 -15.81 -1.41
CA SER A 370 8.28 -14.99 -1.12
C SER A 370 9.29 -15.11 -2.23
N THR A 371 9.72 -16.33 -2.55
CA THR A 371 10.71 -16.56 -3.61
C THR A 371 10.21 -16.06 -4.95
N GLY A 372 8.98 -16.41 -5.30
CA GLY A 372 8.37 -15.95 -6.54
C GLY A 372 8.24 -14.45 -6.63
N GLY A 373 7.86 -13.82 -5.52
CA GLY A 373 7.71 -12.37 -5.41
C GLY A 373 9.03 -11.66 -5.59
N LEU A 374 10.10 -12.17 -4.95
CA LEU A 374 11.42 -11.53 -5.07
C LEU A 374 12.07 -11.75 -6.42
N PHE A 375 11.80 -12.90 -7.05
CA PHE A 375 12.45 -13.25 -8.32
C PHE A 375 11.46 -13.56 -9.42
N SER A 376 10.37 -12.75 -9.53
CA SER A 376 9.33 -13.00 -10.54
C SER A 376 9.87 -13.01 -11.97
N ASP A 377 10.90 -12.21 -12.23
CA ASP A 377 11.52 -12.08 -13.55
C ASP A 377 12.72 -13.04 -13.74
N GLY A 378 12.82 -14.05 -12.88
CA GLY A 378 13.88 -15.04 -12.94
C GLY A 378 15.25 -14.53 -12.50
N GLY A 379 15.28 -13.32 -11.95
CA GLY A 379 16.50 -12.66 -11.49
C GLY A 379 17.14 -11.75 -12.51
N ARG A 380 16.51 -11.55 -13.67
CA ARG A 380 17.11 -10.70 -14.73
C ARG A 380 17.43 -9.29 -14.27
N SER A 381 16.52 -8.64 -13.55
CA SER A 381 16.75 -7.27 -13.08
C SER A 381 17.88 -7.24 -12.08
N PHE A 382 17.90 -8.22 -11.18
CA PHE A 382 18.93 -8.36 -10.14
C PHE A 382 20.28 -8.57 -10.81
N LEU A 383 20.35 -9.52 -11.76
CA LEU A 383 21.58 -9.87 -12.47
C LEU A 383 22.21 -8.73 -13.24
N GLN A 384 21.41 -7.77 -13.75
CA GLN A 384 21.88 -6.57 -14.46
C GLN A 384 23.00 -5.86 -13.65
N ASN A 385 22.83 -5.81 -12.32
CA ASN A 385 23.76 -5.20 -11.38
C ASN A 385 25.14 -5.88 -11.34
N PHE A 386 25.20 -7.18 -11.65
CA PHE A 386 26.44 -7.96 -11.56
C PHE A 386 27.23 -8.05 -12.85
N LYS A 387 26.71 -7.47 -13.93
CA LYS A 387 27.38 -7.47 -15.24
C LYS A 387 28.71 -6.75 -15.12
N GLY A 388 29.78 -7.52 -15.35
CA GLY A 388 31.15 -7.01 -15.26
C GLY A 388 31.69 -6.90 -13.86
N ASP A 389 30.92 -7.36 -12.85
CA ASP A 389 31.38 -7.25 -11.48
C ASP A 389 31.86 -8.59 -10.95
N PHE A 390 32.58 -8.53 -9.84
CA PHE A 390 32.94 -9.72 -9.07
C PHE A 390 31.67 -10.14 -8.33
N VAL A 391 31.57 -11.42 -8.00
CA VAL A 391 30.46 -11.93 -7.20
C VAL A 391 31.08 -12.28 -5.86
N ASP A 392 30.71 -11.54 -4.79
CA ASP A 392 31.25 -11.79 -3.46
C ASP A 392 31.02 -13.25 -3.02
N PRO A 393 32.06 -13.94 -2.47
CA PRO A 393 31.85 -15.33 -2.01
C PRO A 393 30.64 -15.48 -1.06
N CYS A 394 30.30 -14.44 -0.27
CA CYS A 394 29.18 -14.52 0.69
C CYS A 394 27.80 -14.75 0.05
N LEU A 395 27.69 -14.50 -1.27
CA LEU A 395 26.44 -14.69 -2.03
C LEU A 395 26.28 -16.15 -2.47
N GLY A 396 27.32 -16.95 -2.25
CA GLY A 396 27.29 -18.36 -2.62
C GLY A 396 27.03 -18.53 -4.09
N ASP A 397 26.10 -19.43 -4.43
CA ASP A 397 25.74 -19.76 -5.82
C ASP A 397 24.51 -19.02 -6.33
N LEU A 398 24.03 -18.00 -5.60
CA LEU A 398 22.82 -17.27 -5.99
C LEU A 398 22.86 -16.70 -7.42
N ILE A 399 24.00 -16.10 -7.80
CA ILE A 399 24.15 -15.51 -9.14
C ILE A 399 24.20 -16.62 -10.22
N LEU A 400 24.98 -17.70 -9.95
CA LEU A 400 25.09 -18.85 -10.86
C LEU A 400 23.72 -19.47 -11.08
N ILE A 401 22.94 -19.66 -10.00
CA ILE A 401 21.60 -20.26 -10.10
C ILE A 401 20.64 -19.33 -10.88
N LEU A 402 20.57 -18.05 -10.52
CA LEU A 402 19.67 -17.11 -11.22
C LEU A 402 19.95 -16.99 -12.71
N ARG A 403 21.24 -17.13 -13.10
CA ARG A 403 21.72 -17.07 -14.49
C ARG A 403 21.26 -18.24 -15.33
N LEU A 404 20.88 -19.34 -14.70
CA LEU A 404 20.44 -20.52 -15.45
C LEU A 404 19.21 -20.23 -16.33
N PRO A 405 19.16 -20.77 -17.58
CA PRO A 405 17.95 -20.56 -18.41
C PRO A 405 16.74 -21.18 -17.73
N SER A 406 15.55 -20.63 -17.99
CA SER A 406 14.31 -21.07 -17.38
C SER A 406 14.05 -22.55 -17.56
N TRP A 407 14.26 -23.08 -18.78
CA TRP A 407 14.05 -24.52 -19.04
C TRP A 407 14.97 -25.37 -18.18
N PHE A 408 16.19 -24.87 -17.90
CA PHE A 408 17.19 -25.58 -17.11
C PHE A 408 16.82 -25.58 -15.62
N LYS A 409 16.36 -24.42 -15.10
CA LYS A 409 15.87 -24.33 -13.70
C LYS A 409 14.72 -25.33 -13.55
N ARG A 410 13.84 -25.40 -14.56
CA ARG A 410 12.70 -26.33 -14.58
C ARG A 410 13.16 -27.80 -14.52
N LEU A 411 14.01 -28.23 -15.48
CA LEU A 411 14.54 -29.60 -15.55
C LEU A 411 15.28 -29.99 -14.27
N LEU A 412 16.15 -29.08 -13.78
CA LEU A 412 16.93 -29.33 -12.57
C LEU A 412 16.02 -29.48 -11.35
N SER A 413 14.95 -28.66 -11.28
CA SER A 413 13.94 -28.73 -10.23
C SER A 413 13.22 -30.10 -10.27
N LEU A 414 12.84 -30.58 -11.48
CA LEU A 414 12.16 -31.88 -11.68
C LEU A 414 13.03 -33.06 -11.16
N LEU A 415 14.32 -33.03 -11.47
CA LEU A 415 15.31 -34.02 -11.05
C LEU A 415 15.56 -33.98 -9.54
N LEU A 416 15.59 -32.76 -8.93
CA LEU A 416 15.83 -32.60 -7.51
C LEU A 416 14.64 -32.95 -6.65
N LYS A 417 13.42 -32.74 -7.17
CA LYS A 417 12.14 -32.95 -6.47
C LYS A 417 11.99 -34.24 -5.63
N PRO A 418 12.32 -35.45 -6.17
CA PRO A 418 12.16 -36.68 -5.35
C PRO A 418 13.03 -36.76 -4.08
N LEU A 419 14.27 -36.27 -4.13
CA LEU A 419 15.20 -36.32 -2.99
C LEU A 419 15.26 -35.06 -2.16
N PHE A 420 15.31 -33.90 -2.83
CA PHE A 420 15.43 -32.60 -2.16
C PHE A 420 14.30 -31.70 -2.62
N PRO A 421 13.07 -31.93 -2.10
CA PRO A 421 11.91 -31.12 -2.55
C PRO A 421 12.04 -29.61 -2.25
N ARG A 422 12.69 -29.24 -1.13
CA ARG A 422 12.87 -27.82 -0.76
C ARG A 422 13.72 -27.09 -1.80
N LEU A 423 14.85 -27.70 -2.21
CA LEU A 423 15.75 -27.14 -3.21
C LEU A 423 15.02 -27.00 -4.53
N ALA A 424 14.27 -28.05 -4.91
CA ALA A 424 13.52 -28.09 -6.15
C ALA A 424 12.45 -27.01 -6.17
N ALA A 425 11.78 -26.77 -5.04
CA ALA A 425 10.70 -25.77 -4.98
C ALA A 425 11.23 -24.35 -5.11
N PHE A 426 12.34 -24.03 -4.42
CA PHE A 426 12.97 -22.71 -4.56
C PHE A 426 13.41 -22.51 -5.99
N LEU A 427 14.05 -23.51 -6.59
CA LEU A 427 14.55 -23.41 -7.96
C LEU A 427 13.46 -23.13 -9.01
N ASN A 428 12.37 -23.88 -8.96
CA ASN A 428 11.28 -23.69 -9.91
C ASN A 428 10.61 -22.32 -9.75
N ASN A 429 10.61 -21.78 -8.54
CA ASN A 429 10.01 -20.49 -8.24
C ASN A 429 10.91 -19.29 -8.45
N MET A 430 12.14 -19.53 -8.94
CA MET A 430 13.12 -18.50 -9.27
C MET A 430 13.15 -18.32 -10.79
N ARG A 431 12.13 -18.84 -11.48
CA ARG A 431 12.02 -18.80 -12.93
C ARG A 431 11.27 -17.56 -13.37
N PRO A 432 11.55 -17.03 -14.58
CA PRO A 432 10.81 -15.84 -15.04
C PRO A 432 9.38 -16.23 -15.40
N ARG A 433 8.49 -15.24 -15.49
CA ARG A 433 7.08 -15.49 -15.80
C ARG A 433 6.47 -14.28 -16.45
N SER A 434 5.22 -14.40 -16.92
CA SER A 434 4.53 -13.32 -17.60
C SER A 434 3.91 -12.34 -16.57
N ALA A 435 3.44 -11.17 -17.04
CA ALA A 435 2.73 -10.22 -16.17
C ALA A 435 1.43 -10.89 -15.69
N GLU A 436 0.79 -11.71 -16.55
CA GLU A 436 -0.43 -12.46 -16.20
C GLU A 436 -0.19 -13.31 -14.94
N LYS A 437 0.92 -14.08 -14.92
CA LYS A 437 1.30 -14.92 -13.79
C LYS A 437 1.69 -14.07 -12.59
N LEU A 438 2.31 -12.91 -12.81
CA LEU A 438 2.64 -12.05 -11.65
C LEU A 438 1.35 -11.54 -10.99
N TRP A 439 0.32 -11.17 -11.78
CA TRP A 439 -0.95 -10.73 -11.18
C TRP A 439 -1.52 -11.85 -10.30
N LYS A 440 -1.41 -13.09 -10.78
CA LYS A 440 -1.94 -14.25 -10.08
C LYS A 440 -1.20 -14.43 -8.79
N LEU A 441 0.14 -14.29 -8.82
CA LEU A 441 0.97 -14.41 -7.63
C LEU A 441 0.63 -13.28 -6.64
N GLN A 442 0.43 -12.04 -7.14
CA GLN A 442 0.10 -10.90 -6.28
CA GLN A 442 0.10 -10.91 -6.27
C GLN A 442 -1.23 -11.15 -5.60
N HIS A 443 -2.20 -11.72 -6.35
CA HIS A 443 -3.49 -11.99 -5.71
C HIS A 443 -3.32 -13.10 -4.67
N GLU A 444 -2.50 -14.11 -4.97
CA GLU A 444 -2.23 -15.18 -3.98
C GLU A 444 -1.58 -14.61 -2.70
N ILE A 445 -0.71 -13.59 -2.83
CA ILE A 445 -0.09 -12.99 -1.64
C ILE A 445 -1.13 -12.28 -0.78
N GLU A 446 -2.03 -11.55 -1.44
CA GLU A 446 -3.13 -10.85 -0.73
C GLU A 446 -4.02 -11.86 -0.01
N MET A 447 -4.37 -12.97 -0.69
CA MET A 447 -5.25 -13.98 -0.10
CA MET A 447 -5.23 -14.02 -0.13
C MET A 447 -4.54 -14.71 1.03
N TYR A 448 -3.23 -15.00 0.86
CA TYR A 448 -2.52 -15.66 1.97
C TYR A 448 -2.49 -14.78 3.20
N ARG A 449 -2.32 -13.46 3.00
CA ARG A 449 -2.27 -12.51 4.12
C ARG A 449 -3.60 -12.53 4.84
N GLN A 450 -4.71 -12.55 4.09
CA GLN A 450 -6.05 -12.60 4.71
C GLN A 450 -6.26 -13.94 5.44
N SER A 451 -5.71 -15.01 4.89
CA SER A 451 -5.80 -16.35 5.49
C SER A 451 -5.14 -16.36 6.87
N VAL A 452 -3.90 -15.84 6.97
CA VAL A 452 -3.19 -15.84 8.25
C VAL A 452 -3.86 -14.88 9.22
N ILE A 453 -4.35 -13.73 8.72
CA ILE A 453 -5.10 -12.79 9.59
C ILE A 453 -6.33 -13.50 10.16
N ALA A 454 -7.07 -14.26 9.33
CA ALA A 454 -8.27 -14.97 9.79
C ALA A 454 -7.91 -16.03 10.83
N GLN A 455 -6.80 -16.75 10.59
CA GLN A 455 -6.28 -17.77 11.49
C GLN A 455 -5.94 -17.16 12.84
N TRP A 456 -5.31 -15.98 12.82
CA TRP A 456 -4.88 -15.21 13.98
C TRP A 456 -6.10 -14.76 14.80
N LYS A 457 -7.10 -14.19 14.13
CA LYS A 457 -8.34 -13.70 14.75
C LYS A 457 -9.18 -14.87 15.34
N ALA A 458 -9.12 -16.08 14.76
CA ALA A 458 -9.85 -17.25 15.24
C ALA A 458 -9.33 -17.66 16.61
N MET A 459 -8.03 -17.42 16.88
CA MET A 459 -7.40 -17.71 18.17
C MET A 459 -7.40 -16.47 19.07
N ASN A 460 -7.99 -15.35 18.59
CA ASN A 460 -8.07 -14.09 19.33
CA ASN A 460 -8.05 -14.07 19.30
C ASN A 460 -6.66 -13.64 19.82
N LEU A 461 -5.64 -13.74 18.95
CA LEU A 461 -4.30 -13.34 19.38
C LEU A 461 -4.17 -11.83 19.42
N ASP A 462 -3.28 -11.35 20.26
CA ASP A 462 -2.89 -9.95 20.26
C ASP A 462 -1.56 -9.88 19.53
N VAL A 463 -0.66 -10.82 19.87
CA VAL A 463 0.71 -10.88 19.35
C VAL A 463 1.16 -12.30 19.09
N LEU A 464 2.35 -12.44 18.47
CA LEU A 464 2.88 -13.75 18.16
C LEU A 464 4.36 -13.79 18.51
N LEU A 465 4.78 -14.84 19.22
CA LEU A 465 6.16 -15.03 19.64
C LEU A 465 6.76 -16.19 18.83
N THR A 466 7.91 -15.96 18.18
CA THR A 466 8.46 -17.03 17.35
C THR A 466 9.94 -17.21 17.66
N PRO A 467 10.56 -18.33 17.22
CA PRO A 467 12.01 -18.42 17.31
C PRO A 467 12.62 -17.40 16.33
N MET A 468 13.89 -17.11 16.53
CA MET A 468 14.61 -16.20 15.65
C MET A 468 15.94 -16.87 15.37
N LEU A 469 16.31 -16.94 14.08
CA LEU A 469 17.53 -17.60 13.71
C LEU A 469 18.76 -17.17 14.50
N GLY A 470 19.40 -18.17 15.10
CA GLY A 470 20.60 -17.94 15.88
C GLY A 470 21.15 -19.23 16.46
N PRO A 471 22.39 -19.23 16.95
CA PRO A 471 23.35 -18.10 17.03
C PRO A 471 23.94 -17.76 15.67
N ALA A 472 24.74 -16.67 15.60
CA ALA A 472 25.38 -16.24 14.35
C ALA A 472 26.07 -17.39 13.61
N LEU A 473 25.85 -17.46 12.30
CA LEU A 473 26.46 -18.44 11.43
C LEU A 473 27.87 -17.99 11.16
N ASP A 474 28.76 -18.92 10.77
CA ASP A 474 30.12 -18.57 10.41
C ASP A 474 30.05 -17.70 9.17
N LEU A 475 31.08 -16.90 8.97
CA LEU A 475 31.21 -16.05 7.79
C LEU A 475 31.08 -16.92 6.55
N ASN A 476 30.46 -16.36 5.48
CA ASN A 476 30.28 -17.01 4.18
C ASN A 476 29.37 -18.25 4.16
N THR A 477 28.56 -18.43 5.24
CA THR A 477 27.62 -19.55 5.31
C THR A 477 26.15 -19.13 5.10
N PRO A 478 25.69 -17.92 5.52
CA PRO A 478 24.29 -17.53 5.19
C PRO A 478 23.92 -17.77 3.72
N GLY A 479 24.85 -17.45 2.81
CA GLY A 479 24.70 -17.62 1.37
C GLY A 479 24.49 -19.06 0.93
N ARG A 480 24.82 -20.03 1.80
CA ARG A 480 24.67 -21.45 1.50
C ARG A 480 23.62 -22.11 2.41
N ALA A 481 22.87 -21.29 3.18
CA ALA A 481 21.82 -21.76 4.09
C ALA A 481 20.55 -20.92 3.86
N THR A 482 20.06 -20.90 2.61
CA THR A 482 18.87 -20.12 2.20
C THR A 482 17.63 -20.44 3.00
N GLY A 483 17.41 -21.72 3.25
CA GLY A 483 16.22 -22.19 3.97
C GLY A 483 16.01 -21.55 5.32
N ALA A 484 17.10 -21.10 5.96
CA ALA A 484 17.09 -20.49 7.30
C ALA A 484 16.47 -19.10 7.33
N VAL A 485 16.08 -18.54 6.16
CA VAL A 485 15.36 -17.25 6.15
C VAL A 485 13.88 -17.49 6.55
N SER A 486 13.47 -18.78 6.74
CA SER A 486 12.07 -19.10 7.02
C SER A 486 11.45 -18.32 8.17
N TYR A 487 12.17 -18.19 9.28
CA TYR A 487 11.62 -17.50 10.47
C TYR A 487 11.31 -16.04 10.24
N THR A 488 12.14 -15.38 9.41
CA THR A 488 11.98 -13.95 9.18
C THR A 488 11.18 -13.62 7.92
N MET A 489 11.52 -14.27 6.79
CA MET A 489 10.89 -13.96 5.50
C MET A 489 9.39 -14.17 5.51
N LEU A 490 8.89 -15.09 6.37
CA LEU A 490 7.43 -15.30 6.50
C LEU A 490 6.69 -13.98 6.74
N TYR A 491 7.28 -13.08 7.55
CA TYR A 491 6.68 -11.79 7.92
C TYR A 491 6.88 -10.67 6.95
N ASN A 492 7.80 -10.85 6.01
CA ASN A 492 7.95 -9.92 4.91
C ASN A 492 6.83 -10.30 3.95
N CYS A 493 6.67 -11.62 3.65
CA CYS A 493 5.57 -12.07 2.79
C CYS A 493 4.20 -11.59 3.31
N LEU A 494 3.97 -11.75 4.61
CA LEU A 494 2.70 -11.35 5.24
C LEU A 494 2.62 -9.83 5.50
N ASP A 495 3.76 -9.16 5.50
CA ASP A 495 3.91 -7.72 5.75
C ASP A 495 3.32 -7.38 7.11
N PHE A 496 3.78 -8.10 8.14
CA PHE A 496 3.39 -7.86 9.51
C PHE A 496 4.61 -7.22 10.18
N PRO A 497 4.43 -6.27 11.15
CA PRO A 497 5.59 -5.73 11.89
C PRO A 497 6.19 -6.87 12.71
N ALA A 498 7.53 -6.94 12.75
CA ALA A 498 8.19 -8.01 13.47
C ALA A 498 9.50 -7.45 13.97
N GLY A 499 9.79 -7.69 15.23
CA GLY A 499 11.05 -7.22 15.79
C GLY A 499 11.75 -8.32 16.56
N VAL A 500 13.01 -8.10 16.91
CA VAL A 500 13.76 -9.11 17.64
C VAL A 500 14.36 -8.50 18.90
N VAL A 501 14.46 -9.33 19.95
CA VAL A 501 14.98 -8.94 21.27
C VAL A 501 15.98 -10.03 21.72
N PRO A 502 17.22 -9.70 22.12
CA PRO A 502 18.12 -10.75 22.63
C PRO A 502 17.58 -11.22 23.99
N VAL A 503 17.52 -12.53 24.21
CA VAL A 503 16.98 -13.05 25.46
C VAL A 503 17.95 -13.97 26.22
N THR A 504 18.96 -14.52 25.54
CA THR A 504 19.90 -15.44 26.20
C THR A 504 21.21 -15.50 25.44
N THR A 505 22.16 -16.29 25.96
CA THR A 505 23.41 -16.57 25.26
C THR A 505 23.55 -18.09 25.13
N VAL A 506 24.26 -18.55 24.12
CA VAL A 506 24.50 -19.99 23.90
C VAL A 506 25.34 -20.56 25.06
N THR A 507 24.84 -21.62 25.69
CA THR A 507 25.57 -22.30 26.77
C THR A 507 26.37 -23.47 26.17
N ALA A 508 27.30 -24.04 26.98
CA ALA A 508 28.08 -25.23 26.59
C ALA A 508 27.10 -26.35 26.20
N GLU A 509 26.02 -26.52 26.97
CA GLU A 509 24.99 -27.53 26.73
C GLU A 509 24.30 -27.29 25.37
N ASP A 510 23.85 -26.04 25.09
CA ASP A 510 23.18 -25.67 23.82
C ASP A 510 24.09 -26.06 22.65
N ASP A 511 25.37 -25.70 22.76
CA ASP A 511 26.39 -25.92 21.78
C ASP A 511 26.67 -27.40 21.58
N ALA A 512 26.72 -28.19 22.67
CA ALA A 512 26.96 -29.64 22.57
C ALA A 512 25.79 -30.31 21.85
N GLN A 513 24.56 -29.92 22.20
CA GLN A 513 23.31 -30.46 21.60
C GLN A 513 23.21 -30.19 20.10
N MET A 514 23.88 -29.12 19.60
CA MET A 514 23.93 -28.76 18.18
C MET A 514 24.61 -29.87 17.36
N GLU A 515 25.47 -30.68 18.03
CA GLU A 515 26.13 -31.80 17.35
C GLU A 515 25.14 -32.90 16.94
N LEU A 516 23.94 -32.93 17.55
CA LEU A 516 22.90 -33.91 17.24
C LEU A 516 21.83 -33.32 16.27
N TYR A 517 22.01 -32.07 15.82
CA TYR A 517 21.09 -31.37 14.92
C TYR A 517 20.95 -32.09 13.57
N LYS A 518 19.72 -32.28 13.07
CA LYS A 518 19.54 -32.93 11.77
C LYS A 518 18.85 -32.11 10.68
N GLY A 519 17.92 -31.27 11.08
CA GLY A 519 17.11 -30.53 10.12
C GLY A 519 15.93 -31.40 9.69
N TYR A 520 14.91 -30.80 9.09
CA TYR A 520 13.73 -31.55 8.65
C TYR A 520 13.87 -32.10 7.25
N PHE A 521 14.84 -31.57 6.47
CA PHE A 521 15.00 -31.96 5.06
C PHE A 521 16.23 -32.79 4.77
N GLY A 522 17.32 -32.55 5.50
CA GLY A 522 18.59 -33.26 5.31
C GLY A 522 19.27 -32.89 4.01
N ASP A 523 18.88 -31.74 3.40
CA ASP A 523 19.47 -31.23 2.18
C ASP A 523 20.70 -30.37 2.54
N ILE A 524 21.40 -29.84 1.54
CA ILE A 524 22.61 -29.03 1.76
C ILE A 524 22.45 -27.86 2.74
N TRP A 525 21.26 -27.21 2.76
CA TRP A 525 20.97 -26.07 3.63
C TRP A 525 20.94 -26.48 5.09
N ASP A 526 20.36 -27.65 5.42
CA ASP A 526 20.35 -28.17 6.81
C ASP A 526 21.74 -28.63 7.22
N ILE A 527 22.51 -29.23 6.28
CA ILE A 527 23.88 -29.72 6.54
C ILE A 527 24.81 -28.56 6.88
N ILE A 528 24.75 -27.48 6.11
CA ILE A 528 25.54 -26.26 6.30
C ILE A 528 25.22 -25.62 7.66
N LEU A 529 23.91 -25.46 8.00
CA LEU A 529 23.46 -24.80 9.23
C LEU A 529 24.06 -25.41 10.48
N LYS A 530 24.11 -26.74 10.54
CA LYS A 530 24.70 -27.46 11.65
C LYS A 530 26.18 -27.10 11.81
N LYS A 531 26.94 -27.08 10.71
CA LYS A 531 28.37 -26.76 10.74
C LYS A 531 28.57 -25.27 11.02
N ALA A 532 27.75 -24.41 10.39
CA ALA A 532 27.82 -22.95 10.50
C ALA A 532 27.53 -22.43 11.91
N MET A 533 26.73 -23.16 12.67
CA MET A 533 26.39 -22.80 14.04
C MET A 533 27.30 -23.40 15.13
N LYS A 534 28.33 -24.18 14.73
CA LYS A 534 29.34 -24.77 15.65
C LYS A 534 30.12 -23.65 16.33
N ASN A 535 30.70 -23.95 17.52
CA ASN A 535 31.56 -23.04 18.26
C ASN A 535 30.88 -21.69 18.50
N SER A 536 29.73 -21.71 19.18
CA SER A 536 28.94 -20.50 19.42
C SER A 536 28.73 -20.20 20.90
N VAL A 537 29.46 -20.86 21.82
CA VAL A 537 29.30 -20.57 23.24
C VAL A 537 29.46 -19.09 23.54
N GLY A 538 28.48 -18.54 24.27
CA GLY A 538 28.47 -17.13 24.68
C GLY A 538 27.85 -16.17 23.68
N LEU A 539 27.51 -16.66 22.46
CA LEU A 539 26.90 -15.81 21.41
C LEU A 539 25.43 -15.50 21.73
N PRO A 540 24.94 -14.28 21.43
CA PRO A 540 23.55 -13.94 21.77
C PRO A 540 22.53 -14.70 20.93
N VAL A 541 21.36 -14.93 21.53
CA VAL A 541 20.21 -15.60 20.89
C VAL A 541 18.97 -14.75 21.21
N ALA A 542 18.12 -14.60 20.21
CA ALA A 542 16.92 -13.79 20.27
C ALA A 542 15.67 -14.58 20.07
N VAL A 543 14.54 -13.89 20.23
CA VAL A 543 13.21 -14.37 19.89
C VAL A 543 12.67 -13.26 18.98
N GLN A 544 11.58 -13.56 18.28
CA GLN A 544 10.94 -12.60 17.38
C GLN A 544 9.52 -12.34 17.88
N CYS A 545 9.11 -11.07 17.84
CA CYS A 545 7.80 -10.64 18.29
C CYS A 545 7.11 -10.07 17.08
N VAL A 546 5.85 -10.48 16.86
CA VAL A 546 5.06 -10.09 15.69
C VAL A 546 3.70 -9.55 16.14
N ALA A 547 3.17 -8.58 15.40
CA ALA A 547 1.82 -8.05 15.64
C ALA A 547 1.17 -7.90 14.25
N LEU A 548 -0.10 -7.56 14.18
CA LEU A 548 -0.77 -7.42 12.89
C LEU A 548 -0.30 -6.19 12.13
N PRO A 549 -0.58 -6.10 10.80
CA PRO A 549 -0.19 -4.90 10.03
C PRO A 549 -0.57 -3.60 10.74
N TRP A 550 0.35 -2.63 10.70
CA TRP A 550 0.21 -1.29 11.28
C TRP A 550 0.20 -1.31 12.80
N GLN A 551 0.51 -2.44 13.43
CA GLN A 551 0.51 -2.48 14.89
CA GLN A 551 0.52 -2.46 14.90
C GLN A 551 1.93 -2.44 15.46
N GLU A 552 2.73 -1.48 14.98
CA GLU A 552 4.12 -1.33 15.44
C GLU A 552 4.19 -1.02 16.93
N GLU A 553 3.24 -0.20 17.41
CA GLU A 553 3.18 0.20 18.84
C GLU A 553 2.95 -1.01 19.71
N LEU A 554 2.01 -1.88 19.31
CA LEU A 554 1.73 -3.11 20.05
C LEU A 554 2.92 -4.08 19.99
N CYS A 555 3.52 -4.25 18.81
CA CYS A 555 4.70 -5.09 18.63
C CYS A 555 5.83 -4.63 19.60
N LEU A 556 6.08 -3.31 19.68
CA LEU A 556 7.09 -2.76 20.58
C LEU A 556 6.70 -2.93 22.04
N ARG A 557 5.39 -2.80 22.35
CA ARG A 557 4.91 -3.02 23.74
C ARG A 557 5.25 -4.47 24.11
N PHE A 558 5.04 -5.42 23.15
CA PHE A 558 5.32 -6.82 23.41
C PHE A 558 6.84 -7.05 23.57
N MET A 559 7.65 -6.49 22.66
CA MET A 559 9.11 -6.54 22.73
C MET A 559 9.64 -6.02 24.09
N ARG A 560 9.05 -4.91 24.59
CA ARG A 560 9.42 -4.31 25.89
C ARG A 560 9.18 -5.32 26.99
N GLU A 561 8.04 -6.04 26.89
CA GLU A 561 7.68 -7.09 27.83
C GLU A 561 8.72 -8.19 27.86
N VAL A 562 9.10 -8.70 26.67
CA VAL A 562 10.12 -9.74 26.54
C VAL A 562 11.45 -9.23 27.17
N GLU A 563 11.81 -8.01 26.85
CA GLU A 563 13.03 -7.40 27.35
C GLU A 563 13.07 -7.29 28.88
N GLN A 564 11.92 -6.94 29.47
CA GLN A 564 11.79 -6.77 30.93
C GLN A 564 11.92 -8.09 31.65
N LEU A 565 11.41 -9.15 31.02
CA LEU A 565 11.40 -10.49 31.61
C LEU A 565 12.69 -11.25 31.43
N MET A 566 13.28 -11.13 30.25
CA MET A 566 14.48 -11.90 29.87
C MET A 566 15.78 -11.22 30.17
N THR A 567 15.81 -9.91 30.27
CA THR A 567 17.03 -9.16 30.61
C THR A 567 16.63 -8.17 31.70
N PRO A 568 16.31 -8.64 32.94
CA PRO A 568 15.84 -7.71 33.97
C PRO A 568 16.90 -6.75 34.52
N GLY B 27 -22.75 -21.17 -29.69
CA GLY B 27 -23.02 -21.55 -28.31
C GLY B 27 -23.33 -20.38 -27.40
N ARG B 28 -24.61 -19.92 -27.43
CA ARG B 28 -25.10 -18.82 -26.58
C ARG B 28 -26.21 -19.24 -25.60
N GLN B 29 -26.49 -20.56 -25.49
CA GLN B 29 -27.55 -21.04 -24.61
C GLN B 29 -27.25 -20.87 -23.12
N LYS B 30 -25.96 -20.96 -22.76
CA LYS B 30 -25.50 -20.79 -21.39
C LYS B 30 -25.75 -19.30 -21.00
N ALA B 31 -25.34 -18.36 -21.88
CA ALA B 31 -25.52 -16.91 -21.69
C ALA B 31 -27.03 -16.56 -21.63
N ARG B 32 -27.86 -17.18 -22.52
CA ARG B 32 -29.30 -16.94 -22.50
C ARG B 32 -29.96 -17.41 -21.22
N GLY B 33 -29.59 -18.61 -20.75
CA GLY B 33 -30.12 -19.17 -19.51
C GLY B 33 -29.82 -18.27 -18.34
N ALA B 34 -28.56 -17.78 -18.25
CA ALA B 34 -28.13 -16.89 -17.16
C ALA B 34 -28.95 -15.60 -17.16
N ALA B 35 -29.21 -15.02 -18.35
CA ALA B 35 -30.01 -13.80 -18.48
C ALA B 35 -31.44 -14.06 -18.05
N THR B 36 -32.01 -15.22 -18.45
CA THR B 36 -33.39 -15.58 -18.08
C THR B 36 -33.49 -15.68 -16.56
N ARG B 37 -32.51 -16.37 -15.91
CA ARG B 37 -32.54 -16.53 -14.45
C ARG B 37 -32.30 -15.20 -13.74
N ALA B 38 -31.32 -14.42 -14.22
CA ALA B 38 -31.05 -13.11 -13.60
C ALA B 38 -32.28 -12.20 -13.66
N ARG B 39 -32.95 -12.14 -14.81
CA ARG B 39 -34.18 -11.35 -14.99
C ARG B 39 -35.32 -11.82 -14.08
N GLN B 40 -35.46 -13.15 -13.88
CA GLN B 40 -36.47 -13.66 -12.96
C GLN B 40 -36.19 -13.24 -11.53
N LYS B 41 -34.90 -13.27 -11.11
CA LYS B 41 -34.52 -12.88 -9.76
C LYS B 41 -34.75 -11.38 -9.52
N GLN B 42 -34.39 -10.55 -10.53
CA GLN B 42 -34.56 -9.11 -10.44
C GLN B 42 -36.07 -8.80 -10.35
N ARG B 43 -36.88 -9.48 -11.18
CA ARG B 43 -38.34 -9.31 -11.21
C ARG B 43 -38.93 -9.68 -9.85
N ALA B 44 -38.53 -10.87 -9.28
CA ALA B 44 -38.98 -11.31 -7.95
C ALA B 44 -38.58 -10.33 -6.86
N SER B 45 -37.34 -9.80 -6.92
CA SER B 45 -36.84 -8.79 -5.96
C SER B 45 -37.74 -7.58 -5.93
N LEU B 46 -38.02 -7.02 -7.10
CA LEU B 46 -38.84 -5.82 -7.23
C LEU B 46 -40.26 -6.08 -6.75
N GLU B 47 -40.77 -7.28 -6.98
CA GLU B 47 -42.11 -7.65 -6.52
C GLU B 47 -42.12 -7.71 -4.98
N THR B 48 -41.07 -8.27 -4.36
CA THR B 48 -40.94 -8.36 -2.90
C THR B 48 -40.91 -6.94 -2.31
N MET B 49 -40.18 -6.01 -2.98
CA MET B 49 -40.09 -4.60 -2.54
C MET B 49 -41.46 -3.97 -2.60
N ASP B 50 -42.15 -4.11 -3.76
CA ASP B 50 -43.51 -3.58 -3.93
C ASP B 50 -44.46 -4.06 -2.81
N LYS B 51 -44.47 -5.38 -2.51
CA LYS B 51 -45.33 -5.91 -1.44
C LYS B 51 -45.02 -5.30 -0.08
N ALA B 52 -43.72 -5.20 0.29
CA ALA B 52 -43.31 -4.61 1.57
C ALA B 52 -43.67 -3.15 1.64
N VAL B 53 -43.52 -2.41 0.53
CA VAL B 53 -43.83 -0.98 0.48
C VAL B 53 -45.34 -0.76 0.64
N GLN B 54 -46.15 -1.58 -0.04
CA GLN B 54 -47.62 -1.45 0.05
C GLN B 54 -48.13 -1.79 1.44
N ARG B 55 -47.57 -2.84 2.08
CA ARG B 55 -47.92 -3.28 3.43
C ARG B 55 -47.63 -2.11 4.37
N PHE B 56 -46.43 -1.52 4.27
CA PHE B 56 -46.08 -0.40 5.13
C PHE B 56 -46.99 0.82 4.93
N ARG B 57 -47.24 1.20 3.66
CA ARG B 57 -48.04 2.40 3.36
C ARG B 57 -49.45 2.32 3.88
N LEU B 58 -50.04 1.13 3.87
CA LEU B 58 -51.41 0.98 4.41
C LEU B 58 -51.44 1.20 5.92
N GLN B 59 -50.31 0.96 6.60
CA GLN B 59 -50.21 1.14 8.04
C GLN B 59 -49.83 2.56 8.45
N ASN B 60 -49.41 3.37 7.47
CA ASN B 60 -48.87 4.72 7.68
C ASN B 60 -49.39 5.73 6.64
N PRO B 61 -50.74 5.89 6.50
CA PRO B 61 -51.26 6.80 5.48
C PRO B 61 -50.95 8.28 5.71
N ASP B 62 -50.75 8.70 6.96
CA ASP B 62 -50.52 10.11 7.27
C ASP B 62 -49.05 10.55 7.18
N LEU B 63 -48.12 9.58 6.92
CA LEU B 63 -46.69 9.85 6.84
C LEU B 63 -46.37 10.79 5.67
N ASP B 64 -45.66 11.89 5.96
CA ASP B 64 -45.28 12.85 4.94
C ASP B 64 -43.99 12.31 4.30
N SER B 65 -44.17 11.49 3.25
CA SER B 65 -43.10 10.81 2.53
C SER B 65 -42.16 11.77 1.82
N GLU B 66 -42.70 12.79 1.14
CA GLU B 66 -41.89 13.78 0.42
C GLU B 66 -40.96 14.53 1.35
N ALA B 67 -41.45 14.91 2.56
CA ALA B 67 -40.65 15.63 3.56
C ALA B 67 -39.49 14.76 4.02
N LEU B 68 -39.75 13.45 4.26
CA LEU B 68 -38.73 12.51 4.74
C LEU B 68 -37.70 12.28 3.63
N LEU B 69 -38.15 12.10 2.39
CA LEU B 69 -37.28 11.84 1.24
C LEU B 69 -36.41 13.04 0.87
N THR B 70 -36.87 14.26 1.16
CA THR B 70 -36.08 15.43 0.81
C THR B 70 -35.20 15.94 1.95
N LEU B 71 -35.28 15.31 3.14
CA LEU B 71 -34.41 15.72 4.22
C LEU B 71 -32.96 15.41 3.84
N PRO B 72 -32.03 16.38 3.98
CA PRO B 72 -30.60 16.07 3.79
C PRO B 72 -30.19 14.96 4.76
N LEU B 73 -29.29 14.05 4.34
CA LEU B 73 -28.86 12.93 5.18
C LEU B 73 -28.53 13.30 6.64
N LEU B 74 -27.77 14.40 6.87
CA LEU B 74 -27.40 14.80 8.24
C LEU B 74 -28.63 14.97 9.15
N GLN B 75 -29.69 15.61 8.61
CA GLN B 75 -30.94 15.87 9.35
C GLN B 75 -31.72 14.57 9.51
N LEU B 76 -31.71 13.67 8.48
CA LEU B 76 -32.37 12.37 8.54
C LEU B 76 -31.72 11.54 9.67
N VAL B 77 -30.37 11.54 9.75
CA VAL B 77 -29.61 10.85 10.79
C VAL B 77 -29.95 11.40 12.17
N GLN B 78 -30.02 12.73 12.32
CA GLN B 78 -30.35 13.38 13.61
C GLN B 78 -31.75 12.97 14.08
N LYS B 79 -32.75 12.95 13.17
CA LYS B 79 -34.14 12.57 13.51
C LYS B 79 -34.24 11.09 13.83
N LEU B 80 -33.39 10.25 13.19
CA LEU B 80 -33.34 8.82 13.51
C LEU B 80 -32.68 8.63 14.88
N GLN B 81 -31.58 9.36 15.15
CA GLN B 81 -30.87 9.22 16.43
C GLN B 81 -31.73 9.68 17.63
N SER B 82 -32.54 10.71 17.44
CA SER B 82 -33.38 11.23 18.52
C SER B 82 -34.64 10.39 18.74
N GLY B 83 -35.03 9.65 17.71
CA GLY B 83 -36.25 8.86 17.71
C GLY B 83 -37.41 9.60 17.08
N GLU B 84 -37.17 10.85 16.56
CA GLU B 84 -38.21 11.64 15.89
C GLU B 84 -38.78 10.89 14.69
N LEU B 85 -37.91 10.17 13.95
CA LEU B 85 -38.32 9.32 12.84
C LEU B 85 -37.94 7.91 13.22
N SER B 86 -38.81 6.95 12.90
CA SER B 86 -38.47 5.57 13.22
C SER B 86 -37.64 4.99 12.06
N PRO B 87 -36.78 3.96 12.31
CA PRO B 87 -36.03 3.35 11.17
C PRO B 87 -36.96 2.75 10.13
N GLU B 88 -38.13 2.22 10.57
CA GLU B 88 -39.14 1.63 9.66
C GLU B 88 -39.67 2.67 8.71
N ALA B 89 -40.08 3.84 9.22
CA ALA B 89 -40.61 4.92 8.38
C ALA B 89 -39.57 5.31 7.32
N VAL B 90 -38.32 5.45 7.74
CA VAL B 90 -37.25 5.85 6.83
C VAL B 90 -36.98 4.80 5.78
N PHE B 91 -36.81 3.53 6.21
CA PHE B 91 -36.50 2.40 5.34
C PHE B 91 -37.60 2.20 4.29
N PHE B 92 -38.86 2.05 4.75
CA PHE B 92 -39.96 1.77 3.84
C PHE B 92 -40.30 2.91 2.90
N THR B 93 -40.06 4.15 3.33
CA THR B 93 -40.29 5.31 2.45
C THR B 93 -39.22 5.33 1.35
N TYR B 94 -37.93 5.08 1.71
CA TYR B 94 -36.88 5.04 0.70
C TYR B 94 -37.08 3.83 -0.20
N LEU B 95 -37.51 2.69 0.39
CA LEU B 95 -37.76 1.49 -0.40
C LEU B 95 -38.81 1.75 -1.47
N GLY B 96 -39.86 2.49 -1.10
CA GLY B 96 -40.92 2.84 -2.04
C GLY B 96 -40.40 3.76 -3.13
N LYS B 97 -39.58 4.75 -2.74
CA LYS B 97 -38.98 5.66 -3.71
C LYS B 97 -38.04 4.92 -4.66
N ALA B 98 -37.19 4.00 -4.13
CA ALA B 98 -36.28 3.20 -4.97
C ALA B 98 -37.05 2.37 -5.99
N TRP B 99 -38.16 1.74 -5.55
CA TRP B 99 -38.97 0.91 -6.44
C TRP B 99 -39.57 1.80 -7.54
N GLU B 100 -40.05 3.00 -7.18
CA GLU B 100 -40.64 3.92 -8.17
C GLU B 100 -39.62 4.43 -9.20
N VAL B 101 -38.46 4.95 -8.71
CA VAL B 101 -37.43 5.49 -9.62
C VAL B 101 -36.82 4.39 -10.49
N ASN B 102 -36.80 3.16 -9.98
CA ASN B 102 -36.28 2.06 -10.78
C ASN B 102 -37.08 1.82 -12.08
N LYS B 103 -38.39 2.14 -12.07
CA LYS B 103 -39.28 1.96 -13.21
C LYS B 103 -38.74 2.63 -14.49
N GLY B 104 -38.21 3.83 -14.35
CA GLY B 104 -37.66 4.56 -15.49
C GLY B 104 -36.16 4.46 -15.63
N THR B 105 -35.47 3.83 -14.65
CA THR B 105 -33.99 3.79 -14.70
C THR B 105 -33.38 2.41 -14.80
N ASN B 106 -34.07 1.35 -14.29
CA ASN B 106 -33.55 -0.01 -14.26
C ASN B 106 -32.17 0.00 -13.55
N CYS B 107 -32.11 0.61 -12.36
CA CYS B 107 -30.86 0.69 -11.59
C CYS B 107 -30.73 -0.41 -10.56
N VAL B 108 -31.85 -1.04 -10.16
CA VAL B 108 -31.81 -2.07 -9.12
C VAL B 108 -31.74 -3.46 -9.75
N THR B 109 -30.77 -4.29 -9.32
CA THR B 109 -30.67 -5.68 -9.79
C THR B 109 -31.24 -6.61 -8.71
N SER B 110 -31.09 -6.24 -7.43
CA SER B 110 -31.52 -7.17 -6.39
C SER B 110 -31.91 -6.48 -5.11
N TYR B 111 -32.96 -6.98 -4.44
CA TYR B 111 -33.39 -6.45 -3.16
C TYR B 111 -32.71 -7.33 -2.09
N LEU B 112 -31.99 -6.71 -1.16
CA LEU B 112 -31.25 -7.47 -0.14
C LEU B 112 -32.23 -7.87 0.95
N THR B 113 -33.08 -8.87 0.64
CA THR B 113 -34.21 -9.36 1.43
C THR B 113 -34.08 -9.41 2.94
N ASP B 114 -32.91 -9.85 3.46
CA ASP B 114 -32.67 -9.94 4.90
C ASP B 114 -32.51 -8.58 5.58
N CYS B 115 -32.54 -7.46 4.79
CA CYS B 115 -32.34 -6.12 5.35
C CYS B 115 -33.39 -5.75 6.38
N GLU B 116 -34.64 -6.25 6.23
CA GLU B 116 -35.72 -5.97 7.19
C GLU B 116 -35.36 -6.54 8.58
N THR B 117 -34.60 -7.65 8.64
CA THR B 117 -34.15 -8.22 9.91
C THR B 117 -33.00 -7.35 10.49
N GLN B 118 -32.10 -6.84 9.61
CA GLN B 118 -31.01 -5.93 9.97
C GLN B 118 -31.54 -4.61 10.54
N LEU B 119 -32.65 -4.15 9.96
CA LEU B 119 -33.38 -2.93 10.34
C LEU B 119 -33.80 -3.00 11.83
N SER B 120 -34.30 -4.16 12.27
CA SER B 120 -34.73 -4.36 13.65
C SER B 120 -33.58 -4.53 14.64
N GLN B 121 -32.38 -4.93 14.14
CA GLN B 121 -31.19 -5.19 14.94
C GLN B 121 -30.11 -4.09 14.85
N ALA B 122 -30.38 -3.02 14.06
CA ALA B 122 -29.44 -1.93 13.84
C ALA B 122 -28.93 -1.32 15.13
N PRO B 123 -27.59 -1.39 15.40
CA PRO B 123 -27.03 -0.79 16.62
C PRO B 123 -27.46 0.66 16.80
N ARG B 124 -28.21 0.91 17.90
CA ARG B 124 -28.87 2.17 18.25
C ARG B 124 -27.99 3.42 18.28
N GLN B 125 -26.75 3.26 18.75
CA GLN B 125 -25.79 4.35 18.86
C GLN B 125 -24.89 4.46 17.62
N GLY B 126 -25.12 3.59 16.63
CA GLY B 126 -24.39 3.59 15.38
C GLY B 126 -24.49 4.93 14.67
N LEU B 127 -23.38 5.39 14.08
CA LEU B 127 -23.34 6.71 13.38
C LEU B 127 -24.25 6.82 12.18
N LEU B 128 -24.69 5.69 11.63
CA LEU B 128 -25.58 5.65 10.47
C LEU B 128 -26.86 4.90 10.85
N TYR B 129 -27.26 4.96 12.15
CA TYR B 129 -28.43 4.23 12.64
C TYR B 129 -29.68 4.52 11.82
N GLY B 130 -30.27 3.46 11.25
CA GLY B 130 -31.51 3.51 10.47
C GLY B 130 -31.36 4.03 9.05
N VAL B 131 -30.11 4.32 8.60
CA VAL B 131 -29.87 4.84 7.25
C VAL B 131 -29.93 3.72 6.20
N PRO B 132 -30.84 3.77 5.20
CA PRO B 132 -30.83 2.76 4.13
C PRO B 132 -29.66 3.11 3.21
N VAL B 133 -28.88 2.10 2.82
CA VAL B 133 -27.70 2.32 1.98
C VAL B 133 -27.80 1.42 0.76
N SER B 134 -27.54 1.98 -0.42
CA SER B 134 -27.53 1.17 -1.65
C SER B 134 -26.11 0.69 -1.92
N LEU B 135 -25.98 -0.51 -2.49
CA LEU B 135 -24.63 -1.01 -2.73
C LEU B 135 -24.44 -1.35 -4.21
N LYS B 136 -23.33 -0.91 -4.81
CA LYS B 136 -22.97 -1.32 -6.18
C LYS B 136 -22.92 -2.87 -6.16
N GLU B 137 -23.34 -3.54 -7.25
CA GLU B 137 -23.43 -5.02 -7.26
C GLU B 137 -22.19 -5.79 -6.80
N CYS B 138 -20.99 -5.21 -6.99
CA CYS B 138 -19.71 -5.84 -6.62
C CYS B 138 -19.42 -5.96 -5.12
N PHE B 139 -20.18 -5.26 -4.26
CA PHE B 139 -19.98 -5.35 -2.82
C PHE B 139 -20.65 -6.63 -2.39
N SER B 140 -19.85 -7.65 -2.06
CA SER B 140 -20.39 -8.97 -1.67
C SER B 140 -21.36 -8.84 -0.52
N TYR B 141 -22.52 -9.47 -0.68
CA TYR B 141 -23.59 -9.43 0.27
C TYR B 141 -24.11 -10.87 0.35
N LYS B 142 -24.09 -11.44 1.57
CA LYS B 142 -24.46 -12.83 1.81
C LYS B 142 -25.77 -13.22 1.17
N GLY B 143 -25.75 -14.33 0.41
CA GLY B 143 -26.90 -14.91 -0.27
C GLY B 143 -27.21 -14.31 -1.63
N HIS B 144 -26.43 -13.30 -2.05
CA HIS B 144 -26.71 -12.63 -3.32
C HIS B 144 -25.56 -12.72 -4.28
N ASP B 145 -25.86 -12.79 -5.57
CA ASP B 145 -24.78 -12.82 -6.57
C ASP B 145 -24.12 -11.44 -6.67
N SER B 146 -22.90 -11.43 -7.21
CA SER B 146 -22.19 -10.23 -7.61
C SER B 146 -21.80 -10.64 -9.04
N THR B 147 -22.79 -10.58 -9.96
CA THR B 147 -22.57 -11.06 -11.32
C THR B 147 -21.57 -10.26 -12.14
N LEU B 148 -21.54 -8.94 -11.92
CA LEU B 148 -20.81 -7.94 -12.72
C LEU B 148 -21.35 -7.99 -14.16
N GLY B 149 -22.59 -8.46 -14.31
CA GLY B 149 -23.23 -8.62 -15.62
C GLY B 149 -22.68 -9.75 -16.45
N LEU B 150 -21.89 -10.66 -15.84
CA LEU B 150 -21.26 -11.78 -16.53
C LEU B 150 -21.97 -13.09 -16.21
N SER B 151 -22.30 -13.85 -17.27
CA SER B 151 -23.00 -15.13 -17.14
CA SER B 151 -23.00 -15.13 -17.16
C SER B 151 -22.26 -16.09 -16.22
N LEU B 152 -20.92 -16.11 -16.29
CA LEU B 152 -20.14 -17.02 -15.45
C LEU B 152 -20.33 -16.84 -13.96
N ASN B 153 -20.78 -15.64 -13.53
CA ASN B 153 -21.00 -15.33 -12.13
C ASN B 153 -22.48 -15.42 -11.70
N GLU B 154 -23.38 -15.75 -12.61
CA GLU B 154 -24.81 -15.82 -12.27
C GLU B 154 -25.05 -17.17 -11.57
N GLY B 155 -25.78 -17.15 -10.45
CA GLY B 155 -26.08 -18.33 -9.66
C GLY B 155 -24.92 -18.79 -8.81
N MET B 156 -24.07 -17.84 -8.36
CA MET B 156 -22.92 -18.11 -7.49
C MET B 156 -23.01 -17.09 -6.34
N PRO B 157 -23.99 -17.25 -5.43
CA PRO B 157 -24.16 -16.23 -4.40
C PRO B 157 -23.00 -16.12 -3.44
N SER B 158 -22.78 -14.90 -2.95
CA SER B 158 -21.76 -14.63 -1.94
C SER B 158 -22.12 -15.39 -0.66
N GLU B 159 -21.11 -15.83 0.06
CA GLU B 159 -21.33 -16.54 1.32
C GLU B 159 -21.14 -15.69 2.56
N SER B 160 -20.71 -14.43 2.37
CA SER B 160 -20.55 -13.50 3.48
C SER B 160 -20.54 -12.06 2.98
N ASP B 161 -20.93 -11.14 3.87
CA ASP B 161 -20.88 -9.72 3.60
C ASP B 161 -19.40 -9.30 3.51
N CYS B 162 -19.06 -8.43 2.52
CA CYS B 162 -17.71 -7.89 2.44
C CYS B 162 -17.50 -7.03 3.68
N VAL B 163 -16.24 -6.68 3.98
CA VAL B 163 -15.93 -5.89 5.16
C VAL B 163 -16.69 -4.57 5.28
N VAL B 164 -16.73 -3.75 4.22
CA VAL B 164 -17.44 -2.46 4.35
C VAL B 164 -18.92 -2.63 4.65
N VAL B 165 -19.54 -3.69 4.14
CA VAL B 165 -20.97 -3.98 4.44
C VAL B 165 -21.11 -4.34 5.93
N GLN B 166 -20.16 -5.15 6.47
CA GLN B 166 -20.19 -5.53 7.89
C GLN B 166 -20.09 -4.27 8.73
N VAL B 167 -19.18 -3.34 8.34
CA VAL B 167 -18.97 -2.06 9.06
C VAL B 167 -20.23 -1.18 8.95
N LEU B 168 -20.83 -1.08 7.75
CA LEU B 168 -22.09 -0.33 7.60
C LEU B 168 -23.15 -0.83 8.59
N LYS B 169 -23.34 -2.17 8.66
CA LYS B 169 -24.30 -2.78 9.58
C LYS B 169 -23.93 -2.53 11.04
N LEU B 170 -22.62 -2.60 11.38
CA LEU B 170 -22.17 -2.34 12.74
C LEU B 170 -22.41 -0.87 13.12
N GLN B 171 -22.51 0.02 12.11
CA GLN B 171 -22.83 1.43 12.29
C GLN B 171 -24.34 1.75 12.21
N GLY B 172 -25.17 0.72 12.16
CA GLY B 172 -26.62 0.88 12.17
C GLY B 172 -27.29 1.12 10.84
N ALA B 173 -26.50 1.17 9.75
CA ALA B 173 -27.00 1.37 8.39
C ALA B 173 -27.73 0.12 7.92
N VAL B 174 -28.60 0.28 6.96
CA VAL B 174 -29.40 -0.83 6.45
C VAL B 174 -29.14 -0.98 4.94
N PRO B 175 -28.11 -1.74 4.51
CA PRO B 175 -27.92 -1.98 3.06
C PRO B 175 -29.18 -2.64 2.50
N PHE B 176 -29.75 -2.08 1.42
CA PHE B 176 -31.04 -2.55 0.95
C PHE B 176 -31.16 -3.06 -0.47
N VAL B 177 -30.29 -2.60 -1.37
CA VAL B 177 -30.31 -3.02 -2.76
C VAL B 177 -28.92 -3.19 -3.30
N HIS B 178 -28.81 -4.03 -4.36
CA HIS B 178 -27.62 -4.14 -5.17
C HIS B 178 -28.00 -3.34 -6.45
N THR B 179 -27.10 -2.49 -6.94
CA THR B 179 -27.42 -1.68 -8.10
C THR B 179 -26.57 -2.09 -9.29
N ASN B 180 -27.09 -1.82 -10.48
CA ASN B 180 -26.52 -2.24 -11.75
C ASN B 180 -25.16 -1.70 -12.10
N VAL B 181 -24.42 -2.48 -12.88
CA VAL B 181 -23.11 -2.11 -13.39
C VAL B 181 -23.01 -2.49 -14.87
N PRO B 182 -22.16 -1.82 -15.67
CA PRO B 182 -21.90 -2.31 -17.04
C PRO B 182 -21.14 -3.62 -16.91
N GLN B 183 -21.33 -4.52 -17.87
CA GLN B 183 -20.73 -5.85 -17.86
C GLN B 183 -19.20 -5.78 -17.65
N SER B 184 -18.67 -6.50 -16.61
CA SER B 184 -17.24 -6.58 -16.21
C SER B 184 -16.75 -5.35 -15.43
N MET B 185 -17.51 -4.22 -15.47
CA MET B 185 -17.17 -2.93 -14.83
C MET B 185 -16.05 -2.15 -15.50
N PHE B 186 -15.46 -2.65 -16.60
CA PHE B 186 -14.38 -1.93 -17.31
C PHE B 186 -15.08 -1.00 -18.34
N SER B 187 -15.88 -0.06 -17.85
CA SER B 187 -16.73 0.77 -18.71
C SER B 187 -17.29 1.91 -17.87
N TYR B 188 -17.54 3.04 -18.53
CA TYR B 188 -18.21 4.15 -17.87
C TYR B 188 -19.64 4.31 -18.39
N ASP B 189 -20.17 3.23 -18.98
CA ASP B 189 -21.60 3.16 -19.35
C ASP B 189 -22.24 2.22 -18.32
N CYS B 190 -23.49 1.76 -18.55
CA CYS B 190 -24.11 0.95 -17.51
C CYS B 190 -25.08 -0.10 -18.03
N SER B 191 -24.62 -0.93 -18.97
CA SER B 191 -25.46 -2.02 -19.47
C SER B 191 -24.73 -3.36 -19.39
N ASN B 192 -25.50 -4.43 -19.20
CA ASN B 192 -24.95 -5.77 -19.20
C ASN B 192 -26.03 -6.71 -19.76
N PRO B 193 -25.67 -7.87 -20.31
CA PRO B 193 -26.70 -8.76 -20.89
C PRO B 193 -27.64 -9.42 -19.91
N LEU B 194 -27.34 -9.37 -18.59
CA LEU B 194 -28.18 -10.00 -17.58
C LEU B 194 -29.35 -9.13 -17.12
N PHE B 195 -29.07 -7.90 -16.65
CA PHE B 195 -30.09 -7.00 -16.12
C PHE B 195 -30.44 -5.89 -17.09
N GLY B 196 -29.70 -5.81 -18.17
CA GLY B 196 -29.97 -4.79 -19.17
C GLY B 196 -29.30 -3.47 -18.87
N GLN B 197 -29.89 -2.43 -19.45
CA GLN B 197 -29.36 -1.09 -19.47
C GLN B 197 -29.94 -0.22 -18.41
N THR B 198 -29.06 0.47 -17.66
CA THR B 198 -29.50 1.47 -16.69
C THR B 198 -29.53 2.81 -17.44
N MET B 199 -30.55 3.63 -17.21
CA MET B 199 -30.69 4.93 -17.88
C MET B 199 -30.51 6.07 -16.92
N ASN B 200 -30.04 7.21 -17.42
CA ASN B 200 -29.86 8.39 -16.60
C ASN B 200 -31.23 8.90 -16.17
N PRO B 201 -31.47 9.20 -14.86
CA PRO B 201 -32.78 9.70 -14.45
C PRO B 201 -33.15 11.07 -15.02
N TRP B 202 -32.15 11.87 -15.47
CA TRP B 202 -32.42 13.19 -16.03
C TRP B 202 -32.89 13.14 -17.49
N LYS B 203 -32.48 12.10 -18.25
CA LYS B 203 -32.81 11.99 -19.67
C LYS B 203 -32.61 10.54 -20.04
N SER B 204 -33.69 9.84 -20.49
CA SER B 204 -33.67 8.41 -20.81
CA SER B 204 -33.64 8.41 -20.80
C SER B 204 -32.70 8.01 -21.92
N SER B 205 -32.36 8.93 -22.83
CA SER B 205 -31.43 8.64 -23.94
C SER B 205 -29.95 8.69 -23.46
N LYS B 206 -29.74 9.08 -22.20
CA LYS B 206 -28.37 9.25 -21.74
C LYS B 206 -27.91 8.15 -20.83
N SER B 207 -26.58 7.97 -20.79
CA SER B 207 -25.97 7.05 -19.85
C SER B 207 -26.03 7.67 -18.46
N PRO B 208 -26.21 6.82 -17.42
CA PRO B 208 -26.07 7.34 -16.05
C PRO B 208 -24.57 7.40 -15.67
N GLY B 209 -23.68 6.98 -16.55
CA GLY B 209 -22.25 6.89 -16.27
C GLY B 209 -22.00 5.53 -15.65
N GLY B 210 -20.77 5.27 -15.30
CA GLY B 210 -20.42 3.99 -14.71
C GLY B 210 -18.95 3.94 -14.36
N SER B 211 -18.49 2.80 -13.82
CA SER B 211 -19.31 1.58 -13.65
C SER B 211 -20.33 1.59 -12.49
N SER B 212 -20.26 2.56 -11.55
CA SER B 212 -21.24 2.61 -10.43
C SER B 212 -22.51 3.36 -10.92
N GLY B 213 -23.00 2.98 -12.10
CA GLY B 213 -24.13 3.67 -12.76
C GLY B 213 -25.48 3.49 -12.08
N GLY B 214 -25.72 2.27 -11.60
CA GLY B 214 -26.93 1.97 -10.84
C GLY B 214 -27.02 2.86 -9.63
N GLU B 215 -25.88 3.04 -8.91
CA GLU B 215 -25.81 3.94 -7.75
C GLU B 215 -26.07 5.38 -8.17
N GLY B 216 -25.46 5.80 -9.25
CA GLY B 216 -25.67 7.19 -9.74
C GLY B 216 -27.14 7.46 -10.04
N ALA B 217 -27.80 6.54 -10.72
CA ALA B 217 -29.23 6.69 -11.11
C ALA B 217 -30.14 6.65 -9.91
N LEU B 218 -29.88 5.73 -8.98
CA LEU B 218 -30.71 5.58 -7.78
C LEU B 218 -30.63 6.76 -6.85
N ILE B 219 -29.41 7.15 -6.49
CA ILE B 219 -29.20 8.31 -5.62
C ILE B 219 -29.62 9.62 -6.33
N GLY B 220 -29.24 9.74 -7.60
CA GLY B 220 -29.55 10.91 -8.42
C GLY B 220 -31.03 11.14 -8.60
N SER B 221 -31.85 10.09 -8.50
CA SER B 221 -33.32 10.27 -8.60
C SER B 221 -34.02 10.29 -7.23
N GLY B 222 -33.23 10.25 -6.15
CA GLY B 222 -33.76 10.31 -4.78
C GLY B 222 -34.14 8.98 -4.11
N GLY B 223 -33.79 7.87 -4.74
CA GLY B 223 -34.14 6.53 -4.26
C GLY B 223 -33.24 5.95 -3.18
N SER B 224 -32.15 6.65 -2.85
CA SER B 224 -31.18 6.24 -1.82
C SER B 224 -30.47 7.48 -1.27
N PRO B 225 -30.30 7.61 0.05
CA PRO B 225 -29.59 8.80 0.57
C PRO B 225 -28.07 8.62 0.58
N LEU B 226 -27.61 7.39 0.40
CA LEU B 226 -26.17 7.07 0.47
C LEU B 226 -25.88 5.75 -0.18
N GLY B 227 -24.81 5.69 -0.95
CA GLY B 227 -24.43 4.42 -1.56
C GLY B 227 -22.93 4.25 -1.59
N LEU B 228 -22.47 3.06 -1.99
CA LEU B 228 -21.03 2.81 -2.12
C LEU B 228 -20.74 2.40 -3.53
N GLY B 229 -19.68 2.94 -4.10
CA GLY B 229 -19.22 2.59 -5.43
C GLY B 229 -17.75 2.22 -5.41
N THR B 230 -17.20 1.81 -6.56
CA THR B 230 -15.77 1.49 -6.67
C THR B 230 -15.26 2.20 -7.91
N ASP B 231 -13.95 2.35 -8.01
CA ASP B 231 -13.38 3.18 -9.05
C ASP B 231 -11.92 2.80 -9.30
N ILE B 232 -11.61 2.43 -10.55
CA ILE B 232 -10.22 2.17 -11.01
C ILE B 232 -9.87 3.12 -12.17
N GLY B 233 -10.87 3.69 -12.83
CA GLY B 233 -10.61 4.64 -13.93
C GLY B 233 -11.55 5.83 -13.93
N GLY B 234 -12.35 5.95 -12.86
CA GLY B 234 -13.38 6.99 -12.69
C GLY B 234 -14.77 6.46 -12.33
N SER B 235 -14.90 5.14 -12.05
CA SER B 235 -16.20 4.52 -11.78
C SER B 235 -17.10 5.05 -10.66
N ILE B 236 -16.60 5.88 -9.78
CA ILE B 236 -17.45 6.54 -8.78
C ILE B 236 -17.78 7.94 -9.38
N ARG B 237 -16.78 8.59 -9.94
CA ARG B 237 -16.84 9.97 -10.46
C ARG B 237 -17.69 10.13 -11.68
N PHE B 238 -17.59 9.23 -12.69
CA PHE B 238 -18.46 9.36 -13.89
C PHE B 238 -19.95 9.27 -13.52
N PRO B 239 -20.44 8.25 -12.80
CA PRO B 239 -21.88 8.23 -12.51
C PRO B 239 -22.28 9.36 -11.56
N SER B 240 -21.39 9.79 -10.66
CA SER B 240 -21.74 10.90 -9.76
C SER B 240 -21.95 12.19 -10.57
N ALA B 241 -21.03 12.46 -11.48
CA ALA B 241 -21.11 13.65 -12.36
C ALA B 241 -22.29 13.57 -13.32
N PHE B 242 -22.46 12.41 -14.01
CA PHE B 242 -23.53 12.29 -15.01
C PHE B 242 -24.93 12.41 -14.43
N CYS B 243 -25.11 11.95 -13.19
CA CYS B 243 -26.39 11.93 -12.47
C CYS B 243 -26.57 13.09 -11.50
N GLY B 244 -25.58 13.96 -11.36
CA GLY B 244 -25.71 15.17 -10.54
C GLY B 244 -25.69 14.95 -9.04
N ILE B 245 -24.79 14.07 -8.60
CA ILE B 245 -24.63 13.78 -7.17
C ILE B 245 -23.15 13.93 -6.82
N CYS B 246 -22.83 13.79 -5.52
CA CYS B 246 -21.44 13.91 -5.04
C CYS B 246 -20.87 12.53 -4.91
N GLY B 247 -19.58 12.39 -5.11
CA GLY B 247 -18.92 11.10 -4.97
C GLY B 247 -17.48 11.31 -4.60
N LEU B 248 -16.92 10.43 -3.78
CA LEU B 248 -15.50 10.53 -3.42
C LEU B 248 -14.79 9.22 -3.70
N LYS B 249 -13.66 9.27 -4.42
CA LYS B 249 -12.79 8.12 -4.61
C LYS B 249 -11.56 8.34 -3.67
N PRO B 250 -11.51 7.69 -2.47
CA PRO B 250 -10.35 7.85 -1.60
C PRO B 250 -9.08 7.26 -2.20
N THR B 251 -8.00 7.41 -1.46
CA THR B 251 -6.72 6.75 -1.74
C THR B 251 -7.12 5.25 -1.69
N GLY B 252 -6.51 4.45 -2.57
CA GLY B 252 -6.87 3.04 -2.75
C GLY B 252 -7.00 2.24 -1.47
N ASN B 253 -6.02 2.40 -0.56
CA ASN B 253 -6.00 1.63 0.69
C ASN B 253 -6.54 2.40 1.95
N ARG B 254 -7.35 3.44 1.75
CA ARG B 254 -7.96 4.12 2.89
C ARG B 254 -9.10 3.26 3.45
N LEU B 255 -9.78 2.50 2.58
CA LEU B 255 -10.91 1.66 2.96
C LEU B 255 -10.66 0.21 2.55
N SER B 256 -11.30 -0.75 3.25
CA SER B 256 -11.13 -2.18 2.94
C SER B 256 -11.77 -2.61 1.66
N LYS B 257 -10.98 -3.29 0.81
CA LYS B 257 -11.46 -3.90 -0.43
C LYS B 257 -11.72 -5.39 -0.21
N SER B 258 -11.68 -5.84 1.05
CA SER B 258 -11.90 -7.25 1.37
C SER B 258 -13.34 -7.64 1.09
N GLY B 259 -13.53 -8.64 0.22
CA GLY B 259 -14.83 -9.13 -0.21
C GLY B 259 -15.42 -8.38 -1.38
N LEU B 260 -14.63 -7.59 -2.10
CA LEU B 260 -15.14 -6.89 -3.29
C LEU B 260 -14.91 -7.82 -4.47
N LYS B 261 -15.94 -8.08 -5.26
CA LYS B 261 -15.89 -8.95 -6.42
C LYS B 261 -15.39 -8.12 -7.61
N GLY B 262 -14.42 -8.67 -8.36
CA GLY B 262 -13.88 -7.97 -9.52
C GLY B 262 -13.63 -8.98 -10.61
N CYS B 263 -13.48 -8.56 -11.85
CA CYS B 263 -13.27 -9.59 -12.84
C CYS B 263 -11.78 -9.88 -13.12
N VAL B 264 -10.87 -9.08 -12.53
CA VAL B 264 -9.40 -9.23 -12.62
C VAL B 264 -8.87 -8.98 -11.21
N TYR B 265 -7.98 -9.87 -10.74
CA TYR B 265 -7.36 -9.75 -9.42
C TYR B 265 -5.84 -9.66 -9.53
N GLY B 266 -5.19 -9.05 -8.54
CA GLY B 266 -3.72 -8.99 -8.47
C GLY B 266 -3.06 -7.90 -9.30
N GLN B 267 -3.86 -7.09 -9.99
CA GLN B 267 -3.32 -5.95 -10.72
C GLN B 267 -3.20 -4.83 -9.67
N THR B 268 -1.98 -4.35 -9.40
CA THR B 268 -1.78 -3.33 -8.36
C THR B 268 -1.16 -2.03 -8.83
N ALA B 269 -0.71 -1.97 -10.10
CA ALA B 269 -0.14 -0.77 -10.71
C ALA B 269 -1.13 0.42 -10.63
N VAL B 270 -2.40 0.18 -11.03
CA VAL B 270 -3.47 1.17 -11.00
C VAL B 270 -4.40 0.70 -9.90
N GLN B 271 -4.40 1.46 -8.82
CA GLN B 271 -5.10 1.18 -7.57
C GLN B 271 -6.60 1.30 -7.69
N LEU B 272 -7.31 0.29 -7.23
CA LEU B 272 -8.77 0.32 -7.15
C LEU B 272 -9.12 0.95 -5.81
N SER B 273 -10.19 1.71 -5.78
CA SER B 273 -10.60 2.33 -4.53
C SER B 273 -12.12 2.20 -4.43
N LEU B 274 -12.65 2.24 -3.21
CA LEU B 274 -14.08 2.21 -2.97
C LEU B 274 -14.44 3.49 -2.21
N GLY B 275 -15.66 3.94 -2.36
CA GLY B 275 -16.02 5.18 -1.69
C GLY B 275 -17.49 5.51 -1.75
N PRO B 276 -17.89 6.56 -1.00
CA PRO B 276 -19.30 6.93 -0.94
C PRO B 276 -19.77 7.77 -2.12
N MET B 277 -21.07 7.68 -2.37
CA MET B 277 -21.84 8.44 -3.37
C MET B 277 -23.10 8.92 -2.64
N ALA B 278 -23.46 10.20 -2.80
CA ALA B 278 -24.58 10.76 -2.03
C ALA B 278 -25.02 12.09 -2.62
N ARG B 279 -26.08 12.70 -2.06
CA ARG B 279 -26.62 13.96 -2.59
C ARG B 279 -25.83 15.18 -2.21
N ASP B 280 -24.96 15.10 -1.20
CA ASP B 280 -24.21 16.28 -0.77
C ASP B 280 -22.87 15.84 -0.18
N VAL B 281 -21.96 16.79 0.03
CA VAL B 281 -20.62 16.49 0.55
C VAL B 281 -20.65 16.00 2.01
N GLU B 282 -21.51 16.61 2.86
CA GLU B 282 -21.61 16.24 4.26
C GLU B 282 -21.92 14.74 4.40
N SER B 283 -22.78 14.19 3.54
CA SER B 283 -23.12 12.74 3.52
C SER B 283 -21.87 11.89 3.27
N LEU B 284 -21.00 12.32 2.33
CA LEU B 284 -19.77 11.61 2.03
C LEU B 284 -18.85 11.59 3.25
N ALA B 285 -18.73 12.76 3.92
CA ALA B 285 -17.92 12.91 5.12
C ALA B 285 -18.46 12.06 6.26
N LEU B 286 -19.80 12.02 6.46
CA LEU B 286 -20.40 11.19 7.50
C LEU B 286 -20.14 9.71 7.18
N CYS B 287 -20.31 9.32 5.89
CA CYS B 287 -20.07 7.93 5.53
C CYS B 287 -18.62 7.54 5.82
N LEU B 288 -17.68 8.43 5.45
CA LEU B 288 -16.25 8.17 5.69
C LEU B 288 -15.93 8.09 7.18
N LYS B 289 -16.52 8.99 7.98
CA LYS B 289 -16.31 8.98 9.43
C LYS B 289 -16.83 7.69 10.04
N ALA B 290 -18.03 7.23 9.62
CA ALA B 290 -18.62 5.97 10.11
C ALA B 290 -17.82 4.75 9.69
N LEU B 291 -17.26 4.76 8.48
CA LEU B 291 -16.49 3.61 8.01
C LEU B 291 -15.11 3.57 8.66
N LEU B 292 -14.49 4.74 8.90
CA LEU B 292 -13.13 4.76 9.46
C LEU B 292 -13.17 4.58 10.97
N CYS B 293 -13.62 3.40 11.43
CA CYS B 293 -13.79 3.13 12.84
C CYS B 293 -13.02 1.88 13.21
N GLU B 294 -12.95 1.57 14.51
CA GLU B 294 -12.27 0.39 15.03
C GLU B 294 -12.78 -0.90 14.38
N HIS B 295 -14.10 -0.99 14.11
CA HIS B 295 -14.67 -2.18 13.46
C HIS B 295 -14.00 -2.42 12.12
N LEU B 296 -13.80 -1.38 11.31
CA LEU B 296 -13.15 -1.59 10.02
C LEU B 296 -11.69 -2.01 10.21
N PHE B 297 -10.98 -1.30 11.10
CA PHE B 297 -9.53 -1.52 11.30
C PHE B 297 -9.21 -2.90 11.85
N THR B 298 -10.13 -3.46 12.64
CA THR B 298 -9.93 -4.81 13.19
CA THR B 298 -10.00 -4.80 13.23
C THR B 298 -10.39 -5.86 12.21
N LEU B 299 -11.50 -5.62 11.46
CA LEU B 299 -11.99 -6.56 10.45
C LEU B 299 -11.01 -6.71 9.32
N ASP B 300 -10.34 -5.61 8.97
CA ASP B 300 -9.31 -5.66 7.93
C ASP B 300 -8.05 -4.92 8.41
N PRO B 301 -7.16 -5.65 9.10
CA PRO B 301 -5.90 -5.03 9.58
C PRO B 301 -4.96 -4.52 8.51
N THR B 302 -5.15 -4.91 7.23
CA THR B 302 -4.33 -4.41 6.12
C THR B 302 -4.56 -2.92 5.80
N VAL B 303 -5.66 -2.38 6.30
CA VAL B 303 -6.02 -0.97 6.09
C VAL B 303 -5.35 -0.13 7.18
N PRO B 304 -4.61 0.95 6.84
CA PRO B 304 -3.97 1.75 7.90
C PRO B 304 -5.02 2.35 8.81
N PRO B 305 -4.89 2.20 10.14
CA PRO B 305 -5.97 2.70 11.04
C PRO B 305 -5.98 4.22 11.20
N LEU B 306 -6.28 4.92 10.08
CA LEU B 306 -6.31 6.38 10.03
C LEU B 306 -7.71 6.88 10.35
N PRO B 307 -7.94 7.41 11.57
CA PRO B 307 -9.30 7.87 11.89
C PRO B 307 -9.65 9.11 11.06
N PHE B 308 -10.96 9.36 10.85
CA PHE B 308 -11.40 10.54 10.13
C PHE B 308 -11.00 11.82 10.92
N ARG B 309 -10.20 12.69 10.32
CA ARG B 309 -9.76 13.93 11.00
C ARG B 309 -10.75 15.05 10.80
N GLU B 310 -11.69 15.14 11.76
CA GLU B 310 -12.78 16.11 11.78
C GLU B 310 -12.30 17.54 11.65
N GLU B 311 -11.26 17.92 12.43
CA GLU B 311 -10.68 19.27 12.41
C GLU B 311 -10.19 19.67 11.01
N VAL B 312 -9.63 18.72 10.24
CA VAL B 312 -9.18 18.98 8.87
C VAL B 312 -10.41 19.24 7.98
N TYR B 313 -11.42 18.36 8.07
CA TYR B 313 -12.66 18.49 7.29
C TYR B 313 -13.39 19.82 7.58
N ARG B 314 -13.40 20.24 8.86
CA ARG B 314 -14.16 21.42 9.32
C ARG B 314 -13.42 22.74 9.19
N SER B 315 -12.15 22.69 8.74
CA SER B 315 -11.28 23.84 8.58
C SER B 315 -11.89 24.85 7.64
N SER B 316 -11.77 26.15 7.99
CA SER B 316 -12.27 27.23 7.17
C SER B 316 -11.10 28.09 6.70
N ARG B 317 -9.86 27.58 6.84
CA ARG B 317 -8.67 28.33 6.44
C ARG B 317 -8.62 28.49 4.93
N PRO B 318 -8.10 29.62 4.41
CA PRO B 318 -7.98 29.76 2.93
C PRO B 318 -7.07 28.68 2.34
N LEU B 319 -7.33 28.30 1.09
CA LEU B 319 -6.60 27.22 0.43
C LEU B 319 -5.81 27.72 -0.74
N ARG B 320 -4.71 27.02 -1.04
CA ARG B 320 -3.94 27.23 -2.26
C ARG B 320 -4.45 26.11 -3.17
N VAL B 321 -5.23 26.51 -4.17
CA VAL B 321 -5.91 25.65 -5.10
C VAL B 321 -5.23 25.67 -6.45
N GLY B 322 -4.64 24.54 -6.82
CA GLY B 322 -4.11 24.35 -8.16
C GLY B 322 -5.31 24.14 -9.07
N TYR B 323 -5.22 24.52 -10.35
CA TYR B 323 -6.35 24.28 -11.25
C TYR B 323 -5.89 24.18 -12.69
N TYR B 324 -6.69 23.44 -13.47
CA TYR B 324 -6.58 23.37 -14.92
C TYR B 324 -7.97 23.35 -15.51
N GLU B 325 -8.14 24.02 -16.65
CA GLU B 325 -9.40 24.18 -17.38
C GLU B 325 -9.50 23.08 -18.43
N THR B 326 -8.36 22.47 -18.76
CA THR B 326 -8.25 21.39 -19.74
C THR B 326 -6.99 20.58 -19.43
N ASP B 327 -7.04 19.27 -19.71
CA ASP B 327 -5.86 18.45 -19.55
C ASP B 327 -5.10 18.32 -20.91
N ASN B 328 -5.58 19.04 -21.97
CA ASN B 328 -5.00 18.98 -23.31
C ASN B 328 -5.03 17.58 -23.92
N TYR B 329 -5.91 16.73 -23.42
CA TYR B 329 -6.04 15.35 -23.90
C TYR B 329 -7.47 15.13 -24.33
N THR B 330 -8.41 15.42 -23.41
CA THR B 330 -9.84 15.40 -23.71
C THR B 330 -10.29 16.85 -23.72
N MET B 331 -10.70 17.33 -24.89
CA MET B 331 -11.19 18.69 -24.96
C MET B 331 -12.44 18.78 -24.07
N PRO B 332 -12.49 19.75 -23.14
CA PRO B 332 -13.69 19.82 -22.29
C PRO B 332 -14.89 20.28 -23.11
N SER B 333 -16.07 19.84 -22.71
CA SER B 333 -17.28 20.33 -23.37
C SER B 333 -17.42 21.80 -22.95
N PRO B 334 -18.15 22.67 -23.70
CA PRO B 334 -18.37 24.04 -23.23
C PRO B 334 -18.95 24.08 -21.80
N ALA B 335 -19.85 23.16 -21.43
CA ALA B 335 -20.40 23.13 -20.06
C ALA B 335 -19.31 22.81 -19.02
N MET B 336 -18.41 21.87 -19.30
CA MET B 336 -17.31 21.53 -18.37
C MET B 336 -16.43 22.75 -18.13
N ARG B 337 -16.07 23.44 -19.21
CA ARG B 337 -15.16 24.60 -19.19
C ARG B 337 -15.77 25.73 -18.36
N ARG B 338 -17.08 26.00 -18.54
CA ARG B 338 -17.80 27.03 -17.78
C ARG B 338 -17.92 26.64 -16.31
N ALA B 339 -18.23 25.36 -16.01
CA ALA B 339 -18.32 24.84 -14.64
C ALA B 339 -16.99 25.11 -13.90
N LEU B 340 -15.89 24.76 -14.57
CA LEU B 340 -14.54 24.95 -14.02
C LEU B 340 -14.26 26.46 -13.79
N ILE B 341 -14.46 27.30 -14.83
CA ILE B 341 -14.16 28.74 -14.73
C ILE B 341 -14.99 29.43 -13.65
N GLU B 342 -16.29 29.14 -13.58
CA GLU B 342 -17.17 29.72 -12.57
C GLU B 342 -16.79 29.30 -11.16
N THR B 343 -16.44 27.99 -10.96
CA THR B 343 -16.01 27.50 -9.64
C THR B 343 -14.72 28.23 -9.25
N LYS B 344 -13.73 28.27 -10.15
CA LYS B 344 -12.46 28.98 -9.97
C LYS B 344 -12.74 30.44 -9.48
N GLN B 345 -13.61 31.18 -10.21
CA GLN B 345 -13.97 32.56 -9.89
C GLN B 345 -14.64 32.69 -8.54
N ARG B 346 -15.56 31.76 -8.18
CA ARG B 346 -16.20 31.82 -6.85
C ARG B 346 -15.21 31.53 -5.73
N LEU B 347 -14.25 30.62 -5.98
CA LEU B 347 -13.19 30.32 -5.00
C LEU B 347 -12.28 31.53 -4.79
N GLU B 348 -11.95 32.24 -5.85
CA GLU B 348 -11.11 33.45 -5.81
C GLU B 348 -11.82 34.55 -5.00
N ALA B 349 -13.13 34.75 -5.26
CA ALA B 349 -13.94 35.75 -4.57
C ALA B 349 -14.05 35.45 -3.09
N ALA B 350 -13.95 34.16 -2.72
CA ALA B 350 -14.02 33.67 -1.34
C ALA B 350 -12.66 33.74 -0.61
N GLY B 351 -11.64 34.23 -1.26
CA GLY B 351 -10.33 34.41 -0.64
C GLY B 351 -9.31 33.33 -0.88
N HIS B 352 -9.64 32.30 -1.66
CA HIS B 352 -8.64 31.24 -1.92
C HIS B 352 -7.68 31.67 -3.02
N THR B 353 -6.49 31.10 -3.00
CA THR B 353 -5.47 31.36 -4.01
C THR B 353 -5.58 30.32 -5.13
N LEU B 354 -5.85 30.76 -6.36
CA LEU B 354 -6.00 29.87 -7.52
C LEU B 354 -4.74 29.91 -8.33
N ILE B 355 -4.10 28.74 -8.46
CA ILE B 355 -2.80 28.63 -9.11
C ILE B 355 -2.86 27.70 -10.28
N PRO B 356 -2.52 28.13 -11.51
CA PRO B 356 -2.55 27.17 -12.63
C PRO B 356 -1.58 26.03 -12.35
N PHE B 357 -2.06 24.82 -12.58
CA PHE B 357 -1.27 23.62 -12.30
C PHE B 357 -1.69 22.53 -13.24
N LEU B 358 -0.72 21.87 -13.87
CA LEU B 358 -1.03 20.71 -14.70
C LEU B 358 -0.05 19.59 -14.38
N PRO B 359 -0.54 18.40 -13.97
CA PRO B 359 0.38 17.25 -13.77
C PRO B 359 1.13 17.01 -15.08
N ASN B 360 2.44 16.79 -14.97
CA ASN B 360 3.34 16.61 -16.10
C ASN B 360 2.99 15.32 -16.84
N ASN B 361 3.38 15.23 -18.11
CA ASN B 361 3.25 14.00 -18.90
C ASN B 361 1.93 13.25 -18.85
N ILE B 362 0.80 13.98 -18.98
CA ILE B 362 -0.51 13.33 -18.96
C ILE B 362 -0.64 12.25 -20.05
N PRO B 363 -0.25 12.50 -21.34
CA PRO B 363 -0.36 11.44 -22.35
C PRO B 363 0.38 10.17 -21.92
N TYR B 364 1.62 10.30 -21.41
CA TYR B 364 2.40 9.16 -20.93
C TYR B 364 1.66 8.46 -19.74
N ALA B 365 1.15 9.25 -18.77
CA ALA B 365 0.44 8.64 -17.63
C ALA B 365 -0.77 7.83 -18.07
N LEU B 366 -1.48 8.29 -19.11
CA LEU B 366 -2.67 7.55 -19.54
C LEU B 366 -2.38 6.42 -20.48
N GLU B 367 -1.54 6.70 -21.49
CA GLU B 367 -1.23 5.72 -22.55
C GLU B 367 -0.31 4.61 -22.11
N VAL B 368 0.77 4.95 -21.42
CA VAL B 368 1.75 3.96 -20.97
C VAL B 368 1.42 3.41 -19.59
N LEU B 369 1.33 4.27 -18.59
CA LEU B 369 1.14 3.84 -17.20
C LEU B 369 -0.24 3.30 -16.89
N SER B 370 -1.28 4.09 -17.17
CA SER B 370 -2.65 3.62 -16.84
C SER B 370 -3.11 2.47 -17.69
N THR B 371 -3.04 2.65 -19.03
CA THR B 371 -3.43 1.62 -19.97
C THR B 371 -2.60 0.37 -19.76
N GLY B 372 -1.28 0.54 -19.69
CA GLY B 372 -0.38 -0.59 -19.50
C GLY B 372 -0.59 -1.29 -18.18
N GLY B 373 -0.87 -0.52 -17.14
CA GLY B 373 -1.14 -1.07 -15.80
C GLY B 373 -2.42 -1.90 -15.81
N LEU B 374 -3.47 -1.40 -16.45
CA LEU B 374 -4.74 -2.12 -16.48
C LEU B 374 -4.71 -3.32 -17.39
N PHE B 375 -3.91 -3.25 -18.46
CA PHE B 375 -3.87 -4.35 -19.45
C PHE B 375 -2.46 -4.92 -19.65
N SER B 376 -1.66 -5.04 -18.56
CA SER B 376 -0.27 -5.57 -18.59
C SER B 376 -0.18 -6.96 -19.24
N ASP B 377 -1.23 -7.79 -19.05
CA ASP B 377 -1.28 -9.15 -19.57
C ASP B 377 -1.96 -9.25 -20.94
N GLY B 378 -2.11 -8.13 -21.64
CA GLY B 378 -2.77 -8.08 -22.95
C GLY B 378 -4.28 -8.27 -22.90
N GLY B 379 -4.84 -8.28 -21.70
CA GLY B 379 -6.28 -8.48 -21.51
C GLY B 379 -6.67 -9.93 -21.35
N ARG B 380 -5.69 -10.87 -21.22
CA ARG B 380 -6.01 -12.29 -21.05
C ARG B 380 -6.87 -12.61 -19.84
N SER B 381 -6.50 -12.11 -18.64
CA SER B 381 -7.27 -12.36 -17.40
C SER B 381 -8.71 -11.81 -17.53
N PHE B 382 -8.85 -10.61 -18.08
CA PHE B 382 -10.14 -9.98 -18.31
C PHE B 382 -11.00 -10.82 -19.26
N LEU B 383 -10.41 -11.26 -20.39
CA LEU B 383 -11.09 -12.03 -21.43
C LEU B 383 -11.63 -13.36 -21.01
N GLN B 384 -10.99 -13.99 -20.03
CA GLN B 384 -11.48 -15.28 -19.52
C GLN B 384 -12.93 -15.19 -19.07
N ASN B 385 -13.32 -14.03 -18.52
CA ASN B 385 -14.70 -13.79 -18.04
C ASN B 385 -15.74 -13.81 -19.13
N PHE B 386 -15.34 -13.56 -20.38
CA PHE B 386 -16.28 -13.47 -21.52
C PHE B 386 -16.47 -14.76 -22.29
N LYS B 387 -15.73 -15.82 -21.93
CA LYS B 387 -15.82 -17.11 -22.61
C LYS B 387 -17.25 -17.63 -22.64
N GLY B 388 -17.80 -17.72 -23.85
CA GLY B 388 -19.16 -18.18 -24.08
C GLY B 388 -20.25 -17.19 -23.68
N ASP B 389 -19.88 -15.90 -23.46
CA ASP B 389 -20.88 -14.91 -23.06
C ASP B 389 -21.16 -13.93 -24.18
N PHE B 390 -22.30 -13.22 -24.09
CA PHE B 390 -22.58 -12.14 -25.01
C PHE B 390 -21.70 -10.99 -24.56
N VAL B 391 -21.31 -10.14 -25.48
CA VAL B 391 -20.53 -8.96 -25.13
C VAL B 391 -21.51 -7.80 -25.24
N ASP B 392 -21.80 -7.12 -24.12
CA ASP B 392 -22.76 -6.03 -24.16
C ASP B 392 -22.36 -4.97 -25.21
N PRO B 393 -23.27 -4.45 -26.05
CA PRO B 393 -22.89 -3.41 -27.02
C PRO B 393 -22.24 -2.16 -26.37
N CYS B 394 -22.53 -1.89 -25.07
CA CYS B 394 -21.96 -0.71 -24.36
C CYS B 394 -20.44 -0.87 -24.17
N LEU B 395 -19.88 -2.10 -24.40
CA LEU B 395 -18.44 -2.30 -24.30
C LEU B 395 -17.72 -1.98 -25.59
N GLY B 396 -18.48 -1.63 -26.63
CA GLY B 396 -17.91 -1.28 -27.92
C GLY B 396 -17.05 -2.39 -28.49
N ASP B 397 -15.87 -2.04 -28.97
CA ASP B 397 -14.95 -3.03 -29.55
C ASP B 397 -13.87 -3.43 -28.57
N LEU B 398 -14.04 -3.15 -27.27
CA LEU B 398 -13.02 -3.52 -26.27
C LEU B 398 -12.61 -5.00 -26.29
N ILE B 399 -13.58 -5.91 -26.34
CA ILE B 399 -13.29 -7.35 -26.32
C ILE B 399 -12.64 -7.80 -27.62
N LEU B 400 -13.18 -7.32 -28.76
CA LEU B 400 -12.64 -7.60 -30.09
C LEU B 400 -11.16 -7.14 -30.14
N ILE B 401 -10.89 -5.89 -29.68
CA ILE B 401 -9.52 -5.34 -29.68
C ILE B 401 -8.57 -6.14 -28.79
N LEU B 402 -8.99 -6.46 -27.56
CA LEU B 402 -8.15 -7.22 -26.63
C LEU B 402 -7.82 -8.64 -27.07
N ARG B 403 -8.73 -9.26 -27.84
CA ARG B 403 -8.56 -10.63 -28.32
C ARG B 403 -7.51 -10.71 -29.43
N LEU B 404 -7.10 -9.56 -30.01
CA LEU B 404 -6.11 -9.54 -31.09
C LEU B 404 -4.75 -10.04 -30.61
N PRO B 405 -4.07 -10.86 -31.46
CA PRO B 405 -2.71 -11.32 -31.09
C PRO B 405 -1.76 -10.15 -30.90
N SER B 406 -0.84 -10.26 -29.92
CA SER B 406 0.12 -9.21 -29.60
C SER B 406 0.79 -8.61 -30.82
N TRP B 407 1.23 -9.48 -31.79
CA TRP B 407 1.92 -9.06 -33.03
C TRP B 407 1.02 -8.16 -33.88
N PHE B 408 -0.29 -8.48 -33.92
CA PHE B 408 -1.28 -7.71 -34.67
C PHE B 408 -1.60 -6.35 -34.00
N LYS B 409 -1.67 -6.31 -32.65
CA LYS B 409 -1.87 -5.05 -31.91
C LYS B 409 -0.65 -4.16 -32.21
N ARG B 410 0.57 -4.77 -32.23
CA ARG B 410 1.80 -4.03 -32.54
C ARG B 410 1.77 -3.47 -33.98
N LEU B 411 1.38 -4.31 -34.95
CA LEU B 411 1.33 -3.94 -36.36
C LEU B 411 0.27 -2.88 -36.63
N LEU B 412 -0.98 -3.12 -36.17
CA LEU B 412 -2.06 -2.15 -36.32
C LEU B 412 -1.67 -0.81 -35.65
N SER B 413 -0.98 -0.84 -34.50
CA SER B 413 -0.49 0.37 -33.81
C SER B 413 0.49 1.14 -34.71
N LEU B 414 1.42 0.43 -35.38
CA LEU B 414 2.39 1.06 -36.30
C LEU B 414 1.67 1.75 -37.47
N LEU B 415 0.62 1.13 -38.01
CA LEU B 415 -0.21 1.66 -39.09
C LEU B 415 -0.94 2.92 -38.67
N LEU B 416 -1.58 2.87 -37.49
CA LEU B 416 -2.37 3.98 -36.92
C LEU B 416 -1.55 5.19 -36.51
N LYS B 417 -0.33 4.98 -36.00
CA LYS B 417 0.58 6.00 -35.47
C LYS B 417 0.67 7.37 -36.18
N PRO B 418 0.94 7.45 -37.52
CA PRO B 418 1.07 8.76 -38.17
C PRO B 418 -0.16 9.67 -38.15
N LEU B 419 -1.38 9.12 -38.38
CA LEU B 419 -2.62 9.91 -38.37
C LEU B 419 -3.34 9.92 -37.02
N PHE B 420 -3.31 8.77 -36.29
CA PHE B 420 -4.03 8.67 -35.02
C PHE B 420 -3.11 8.18 -33.90
N PRO B 421 -2.17 9.03 -33.42
CA PRO B 421 -1.22 8.57 -32.42
C PRO B 421 -1.82 8.13 -31.09
N ARG B 422 -2.96 8.69 -30.72
CA ARG B 422 -3.59 8.33 -29.45
C ARG B 422 -4.09 6.89 -29.51
N LEU B 423 -4.74 6.51 -30.64
CA LEU B 423 -5.27 5.17 -30.85
C LEU B 423 -4.12 4.16 -30.94
N ALA B 424 -3.04 4.54 -31.63
CA ALA B 424 -1.85 3.70 -31.78
C ALA B 424 -1.22 3.43 -30.41
N ALA B 425 -1.09 4.49 -29.58
CA ALA B 425 -0.50 4.41 -28.25
C ALA B 425 -1.30 3.53 -27.30
N PHE B 426 -2.64 3.60 -27.34
CA PHE B 426 -3.44 2.76 -26.45
C PHE B 426 -3.29 1.31 -26.84
N LEU B 427 -3.38 1.04 -28.15
CA LEU B 427 -3.29 -0.30 -28.73
C LEU B 427 -1.94 -0.93 -28.44
N ASN B 428 -0.85 -0.17 -28.60
CA ASN B 428 0.48 -0.71 -28.30
C ASN B 428 0.61 -1.05 -26.82
N ASN B 429 -0.01 -0.25 -25.94
CA ASN B 429 0.12 -0.47 -24.49
C ASN B 429 -0.87 -1.47 -23.89
N MET B 430 -1.66 -2.12 -24.76
CA MET B 430 -2.64 -3.14 -24.39
C MET B 430 -2.12 -4.52 -24.78
N ARG B 431 -0.79 -4.62 -24.94
CA ARG B 431 -0.11 -5.84 -25.31
C ARG B 431 0.38 -6.59 -24.08
N PRO B 432 0.46 -7.93 -24.14
CA PRO B 432 0.98 -8.67 -22.98
C PRO B 432 2.47 -8.45 -22.82
N ARG B 433 2.99 -8.67 -21.61
CA ARG B 433 4.40 -8.48 -21.34
C ARG B 433 4.86 -9.41 -20.21
N SER B 434 6.17 -9.45 -19.99
CA SER B 434 6.79 -10.26 -18.95
C SER B 434 6.62 -9.63 -17.57
N ALA B 435 6.92 -10.40 -16.50
CA ALA B 435 6.95 -9.86 -15.13
C ALA B 435 8.07 -8.79 -15.04
N GLU B 436 9.17 -8.97 -15.79
CA GLU B 436 10.28 -8.02 -15.82
C GLU B 436 9.78 -6.64 -16.29
N LYS B 437 8.97 -6.63 -17.35
CA LYS B 437 8.44 -5.37 -17.91
C LYS B 437 7.39 -4.78 -16.98
N LEU B 438 6.63 -5.64 -16.29
CA LEU B 438 5.65 -5.15 -15.30
C LEU B 438 6.35 -4.45 -14.14
N TRP B 439 7.47 -5.01 -13.63
CA TRP B 439 8.24 -4.35 -12.60
C TRP B 439 8.68 -2.98 -13.06
N LYS B 440 9.15 -2.88 -14.30
CA LYS B 440 9.60 -1.62 -14.89
C LYS B 440 8.46 -0.61 -14.89
N LEU B 441 7.28 -1.06 -15.35
CA LEU B 441 6.06 -0.23 -15.37
C LEU B 441 5.69 0.19 -13.96
N GLN B 442 5.71 -0.74 -12.99
CA GLN B 442 5.39 -0.43 -11.60
CA GLN B 442 5.38 -0.43 -11.58
C GLN B 442 6.34 0.61 -11.04
N HIS B 443 7.65 0.49 -11.37
CA HIS B 443 8.62 1.48 -10.90
C HIS B 443 8.32 2.85 -11.54
N GLU B 444 7.94 2.87 -12.81
CA GLU B 444 7.62 4.12 -13.51
C GLU B 444 6.37 4.80 -12.88
N ILE B 445 5.43 4.00 -12.41
CA ILE B 445 4.22 4.54 -11.74
C ILE B 445 4.60 5.24 -10.43
N GLU B 446 5.50 4.61 -9.65
CA GLU B 446 6.00 5.11 -8.38
C GLU B 446 6.76 6.42 -8.62
N MET B 447 7.62 6.47 -9.67
CA MET B 447 8.40 7.66 -10.01
CA MET B 447 8.39 7.67 -9.98
C MET B 447 7.47 8.77 -10.47
N TYR B 448 6.45 8.40 -11.29
CA TYR B 448 5.48 9.38 -11.80
C TYR B 448 4.71 9.99 -10.63
N ARG B 449 4.27 9.16 -9.69
CA ARG B 449 3.56 9.64 -8.48
C ARG B 449 4.43 10.68 -7.75
N GLN B 450 5.71 10.36 -7.50
CA GLN B 450 6.61 11.29 -6.83
C GLN B 450 6.85 12.54 -7.65
N SER B 451 6.88 12.41 -8.99
CA SER B 451 7.09 13.58 -9.85
C SER B 451 5.93 14.59 -9.71
N VAL B 452 4.68 14.10 -9.60
CA VAL B 452 3.51 15.00 -9.45
C VAL B 452 3.45 15.55 -8.07
N ILE B 453 3.81 14.74 -7.07
CA ILE B 453 3.90 15.24 -5.69
C ILE B 453 4.95 16.40 -5.65
N ALA B 454 6.08 16.22 -6.35
CA ALA B 454 7.16 17.23 -6.37
C ALA B 454 6.62 18.52 -6.98
N GLN B 455 5.88 18.44 -8.12
CA GLN B 455 5.27 19.60 -8.79
C GLN B 455 4.33 20.32 -7.82
N TRP B 456 3.50 19.53 -7.13
CA TRP B 456 2.48 20.01 -6.16
C TRP B 456 3.19 20.79 -5.03
N LYS B 457 4.24 20.18 -4.47
CA LYS B 457 5.02 20.78 -3.40
C LYS B 457 5.73 22.05 -3.83
N ALA B 458 6.27 22.08 -5.07
CA ALA B 458 6.97 23.27 -5.60
C ALA B 458 6.02 24.47 -5.71
N MET B 459 4.70 24.23 -5.89
CA MET B 459 3.72 25.33 -5.91
C MET B 459 3.03 25.50 -4.57
N ASN B 460 3.43 24.70 -3.58
CA ASN B 460 2.82 24.69 -2.25
C ASN B 460 1.28 24.58 -2.29
N LEU B 461 0.75 23.66 -3.12
CA LEU B 461 -0.71 23.46 -3.19
C LEU B 461 -1.25 22.78 -1.95
N ASP B 462 -2.54 23.00 -1.69
CA ASP B 462 -3.28 22.29 -0.68
C ASP B 462 -4.12 21.29 -1.44
N VAL B 463 -4.80 21.77 -2.50
CA VAL B 463 -5.74 20.95 -3.28
C VAL B 463 -5.62 21.27 -4.75
N LEU B 464 -6.33 20.51 -5.58
CA LEU B 464 -6.32 20.70 -7.02
C LEU B 464 -7.78 20.63 -7.54
N LEU B 465 -8.16 21.60 -8.38
CA LEU B 465 -9.47 21.72 -9.02
C LEU B 465 -9.30 21.37 -10.49
N THR B 466 -10.11 20.41 -11.01
CA THR B 466 -9.95 20.04 -12.39
C THR B 466 -11.33 19.98 -13.04
N PRO B 467 -11.41 19.87 -14.38
CA PRO B 467 -12.71 19.64 -15.00
C PRO B 467 -13.09 18.17 -14.71
N MET B 468 -14.37 17.86 -14.82
CA MET B 468 -14.87 16.49 -14.65
C MET B 468 -15.67 16.23 -15.89
N LEU B 469 -15.48 15.05 -16.52
CA LEU B 469 -16.21 14.72 -17.73
C LEU B 469 -17.71 14.87 -17.62
N GLY B 470 -18.27 15.59 -18.59
CA GLY B 470 -19.70 15.80 -18.64
C GLY B 470 -20.05 16.78 -19.72
N PRO B 471 -21.34 16.95 -20.05
CA PRO B 471 -22.52 16.28 -19.48
C PRO B 471 -22.57 14.78 -19.81
N ALA B 472 -23.55 14.05 -19.25
CA ALA B 472 -23.71 12.61 -19.55
C ALA B 472 -23.70 12.34 -21.04
N LEU B 473 -23.00 11.27 -21.42
CA LEU B 473 -22.90 10.84 -22.82
C LEU B 473 -24.13 10.04 -23.16
N ASP B 474 -24.49 10.03 -24.43
CA ASP B 474 -25.58 9.22 -24.93
C ASP B 474 -25.31 7.74 -24.59
N LEU B 475 -26.37 6.95 -24.43
CA LEU B 475 -26.22 5.52 -24.15
C LEU B 475 -25.43 4.88 -25.27
N ASN B 476 -24.57 3.91 -24.93
CA ASN B 476 -23.72 3.17 -25.86
C ASN B 476 -22.56 3.95 -26.47
N THR B 477 -22.27 5.19 -25.98
CA THR B 477 -21.12 5.95 -26.50
C THR B 477 -19.88 5.93 -25.60
N PRO B 478 -19.98 5.80 -24.23
CA PRO B 478 -18.75 5.70 -23.42
C PRO B 478 -17.78 4.63 -23.91
N GLY B 479 -18.29 3.48 -24.36
CA GLY B 479 -17.47 2.40 -24.89
C GLY B 479 -16.72 2.75 -26.18
N ARG B 480 -17.13 3.81 -26.85
CA ARG B 480 -16.51 4.26 -28.09
C ARG B 480 -15.76 5.58 -27.90
N ALA B 481 -15.64 6.05 -26.64
CA ALA B 481 -14.91 7.30 -26.35
C ALA B 481 -13.97 7.04 -25.18
N THR B 482 -13.04 6.08 -25.36
CA THR B 482 -12.07 5.70 -24.31
C THR B 482 -11.21 6.85 -23.81
N GLY B 483 -10.79 7.73 -24.72
CA GLY B 483 -9.95 8.88 -24.41
C GLY B 483 -10.47 9.74 -23.29
N ALA B 484 -11.81 9.82 -23.16
CA ALA B 484 -12.49 10.65 -22.18
C ALA B 484 -12.31 10.25 -20.71
N VAL B 485 -11.63 9.12 -20.45
CA VAL B 485 -11.28 8.71 -19.08
C VAL B 485 -10.10 9.55 -18.59
N SER B 486 -9.51 10.39 -19.45
CA SER B 486 -8.32 11.17 -19.07
C SER B 486 -8.46 11.96 -17.77
N TYR B 487 -9.60 12.64 -17.56
CA TYR B 487 -9.78 13.49 -16.37
C TYR B 487 -9.80 12.71 -15.07
N THR B 488 -10.38 11.51 -15.09
CA THR B 488 -10.49 10.71 -13.86
C THR B 488 -9.34 9.71 -13.69
N MET B 489 -9.02 8.95 -14.75
CA MET B 489 -8.02 7.88 -14.65
C MET B 489 -6.66 8.34 -14.19
N LEU B 490 -6.31 9.59 -14.52
CA LEU B 490 -5.02 10.14 -14.09
C LEU B 490 -4.86 10.01 -12.55
N TYR B 491 -5.97 10.16 -11.80
CA TYR B 491 -5.93 10.09 -10.32
C TYR B 491 -5.98 8.70 -9.76
N ASN B 492 -6.31 7.71 -10.60
CA ASN B 492 -6.20 6.31 -10.17
C ASN B 492 -4.74 5.95 -10.36
N CYS B 493 -4.14 6.42 -11.46
CA CYS B 493 -2.71 6.20 -11.76
C CYS B 493 -1.84 6.78 -10.62
N LEU B 494 -2.13 8.03 -10.25
CA LEU B 494 -1.46 8.73 -9.18
C LEU B 494 -1.86 8.25 -7.80
N ASP B 495 -3.02 7.61 -7.67
CA ASP B 495 -3.59 7.14 -6.41
C ASP B 495 -3.74 8.31 -5.39
N PHE B 496 -4.43 9.35 -5.83
CA PHE B 496 -4.72 10.51 -5.00
C PHE B 496 -6.21 10.46 -4.71
N PRO B 497 -6.70 10.93 -3.55
CA PRO B 497 -8.17 11.02 -3.37
C PRO B 497 -8.71 12.06 -4.36
N ALA B 498 -9.85 11.76 -4.96
CA ALA B 498 -10.47 12.68 -5.94
C ALA B 498 -11.98 12.52 -5.83
N GLY B 499 -12.67 13.64 -5.71
CA GLY B 499 -14.13 13.60 -5.61
C GLY B 499 -14.75 14.55 -6.61
N VAL B 500 -16.05 14.41 -6.83
CA VAL B 500 -16.79 15.29 -7.76
C VAL B 500 -17.97 15.90 -7.07
N VAL B 501 -18.28 17.15 -7.43
CA VAL B 501 -19.37 17.95 -6.89
C VAL B 501 -20.15 18.52 -8.07
N PRO B 502 -21.49 18.37 -8.17
CA PRO B 502 -22.25 19.07 -9.24
C PRO B 502 -22.21 20.58 -8.96
N VAL B 503 -21.97 21.39 -9.99
CA VAL B 503 -21.89 22.84 -9.76
C VAL B 503 -22.81 23.63 -10.69
N THR B 504 -23.21 23.03 -11.82
CA THR B 504 -24.06 23.76 -12.76
C THR B 504 -24.87 22.76 -13.59
N THR B 505 -25.70 23.27 -14.50
CA THR B 505 -26.45 22.44 -15.43
C THR B 505 -26.16 22.97 -16.83
N VAL B 506 -26.19 22.11 -17.84
CA VAL B 506 -25.95 22.52 -19.23
C VAL B 506 -27.02 23.52 -19.70
N THR B 507 -26.60 24.68 -20.22
CA THR B 507 -27.57 25.64 -20.76
C THR B 507 -27.68 25.35 -22.25
N ALA B 508 -28.70 25.90 -22.90
CA ALA B 508 -28.85 25.79 -24.35
C ALA B 508 -27.65 26.45 -25.05
N GLU B 509 -27.12 27.52 -24.47
CA GLU B 509 -25.91 28.18 -24.96
C GLU B 509 -24.72 27.21 -25.00
N ASP B 510 -24.42 26.54 -23.86
CA ASP B 510 -23.34 25.55 -23.73
C ASP B 510 -23.56 24.43 -24.76
N ASP B 511 -24.81 24.00 -24.90
CA ASP B 511 -25.16 22.88 -25.75
C ASP B 511 -25.02 23.21 -27.22
N ALA B 512 -25.43 24.45 -27.63
CA ALA B 512 -25.28 24.87 -29.03
C ALA B 512 -23.78 24.95 -29.36
N GLN B 513 -22.96 25.32 -28.36
CA GLN B 513 -21.50 25.42 -28.49
C GLN B 513 -20.80 24.10 -28.80
N MET B 514 -21.47 22.94 -28.56
CA MET B 514 -20.92 21.61 -28.90
C MET B 514 -20.72 21.49 -30.41
N GLU B 515 -21.43 22.30 -31.23
CA GLU B 515 -21.24 22.27 -32.69
C GLU B 515 -19.86 22.72 -33.13
N LEU B 516 -19.16 23.47 -32.29
CA LEU B 516 -17.83 24.00 -32.57
C LEU B 516 -16.74 23.14 -31.95
N TYR B 517 -17.15 22.10 -31.23
CA TYR B 517 -16.23 21.19 -30.53
C TYR B 517 -15.54 20.31 -31.54
N LYS B 518 -14.19 20.24 -31.51
CA LYS B 518 -13.46 19.41 -32.46
C LYS B 518 -12.63 18.29 -31.83
N GLY B 519 -12.25 18.48 -30.57
CA GLY B 519 -11.34 17.58 -29.86
C GLY B 519 -9.91 17.96 -30.26
N TYR B 520 -8.93 17.49 -29.49
CA TYR B 520 -7.54 17.82 -29.81
C TYR B 520 -6.90 16.95 -30.86
N PHE B 521 -7.41 15.74 -31.01
CA PHE B 521 -6.84 14.74 -31.90
C PHE B 521 -7.60 14.58 -33.20
N GLY B 522 -8.91 14.76 -33.14
CA GLY B 522 -9.79 14.58 -34.27
C GLY B 522 -9.97 13.11 -34.65
N ASP B 523 -9.60 12.17 -33.75
CA ASP B 523 -9.75 10.73 -34.02
C ASP B 523 -11.17 10.26 -33.69
N ILE B 524 -11.47 8.95 -33.83
CA ILE B 524 -12.80 8.38 -33.56
C ILE B 524 -13.37 8.72 -32.18
N TRP B 525 -12.52 8.75 -31.14
CA TRP B 525 -12.92 9.07 -29.77
C TRP B 525 -13.43 10.51 -29.63
N ASP B 526 -12.77 11.46 -30.32
CA ASP B 526 -13.21 12.87 -30.33
C ASP B 526 -14.51 13.04 -31.12
N ILE B 527 -14.64 12.35 -32.26
CA ILE B 527 -15.85 12.38 -33.12
C ILE B 527 -17.04 11.83 -32.31
N ILE B 528 -16.84 10.70 -31.62
CA ILE B 528 -17.89 10.10 -30.79
C ILE B 528 -18.28 11.04 -29.66
N LEU B 529 -17.28 11.54 -28.92
CA LEU B 529 -17.52 12.44 -27.77
C LEU B 529 -18.30 13.69 -28.15
N LYS B 530 -17.99 14.28 -29.32
CA LYS B 530 -18.69 15.47 -29.82
C LYS B 530 -20.20 15.18 -29.95
N LYS B 531 -20.56 14.12 -30.66
CA LYS B 531 -21.98 13.76 -30.82
C LYS B 531 -22.61 13.33 -29.48
N ALA B 532 -21.88 12.56 -28.69
CA ALA B 532 -22.40 11.99 -27.44
C ALA B 532 -22.76 12.99 -26.37
N MET B 533 -22.04 14.12 -26.29
CA MET B 533 -22.31 15.18 -25.30
C MET B 533 -23.36 16.20 -25.74
N LYS B 534 -23.80 16.13 -27.01
CA LYS B 534 -24.88 16.97 -27.57
C LYS B 534 -26.20 16.57 -26.92
N ASN B 535 -27.26 17.39 -27.14
CA ASN B 535 -28.61 17.15 -26.61
C ASN B 535 -28.59 16.92 -25.09
N SER B 536 -27.89 17.80 -24.39
CA SER B 536 -27.73 17.67 -22.95
C SER B 536 -28.28 18.84 -22.13
N VAL B 537 -29.16 19.70 -22.70
CA VAL B 537 -29.69 20.83 -21.94
C VAL B 537 -30.35 20.36 -20.63
N GLY B 538 -30.03 21.06 -19.53
CA GLY B 538 -30.56 20.79 -18.19
C GLY B 538 -29.83 19.68 -17.46
N LEU B 539 -28.87 19.02 -18.12
CA LEU B 539 -28.12 17.94 -17.47
C LEU B 539 -27.08 18.49 -16.49
N PRO B 540 -26.81 17.77 -15.39
CA PRO B 540 -25.83 18.28 -14.42
C PRO B 540 -24.37 18.18 -14.90
N VAL B 541 -23.55 19.10 -14.44
CA VAL B 541 -22.11 19.19 -14.80
C VAL B 541 -21.36 19.41 -13.50
N ALA B 542 -20.25 18.68 -13.31
CA ALA B 542 -19.44 18.73 -12.10
C ALA B 542 -18.05 19.30 -12.34
N VAL B 543 -17.29 19.43 -11.24
CA VAL B 543 -15.85 19.72 -11.23
C VAL B 543 -15.26 18.61 -10.39
N GLN B 544 -13.96 18.43 -10.45
CA GLN B 544 -13.29 17.41 -9.67
C GLN B 544 -12.35 18.07 -8.68
N CYS B 545 -12.34 17.57 -7.43
CA CYS B 545 -11.51 18.08 -6.37
C CYS B 545 -10.56 17.00 -5.97
N VAL B 546 -9.29 17.34 -5.86
CA VAL B 546 -8.21 16.37 -5.60
C VAL B 546 -7.34 16.87 -4.46
N ALA B 547 -6.82 15.93 -3.66
CA ALA B 547 -5.82 16.25 -2.64
C ALA B 547 -4.73 15.15 -2.67
N LEU B 548 -3.67 15.32 -1.90
CA LEU B 548 -2.61 14.34 -1.90
C LEU B 548 -3.03 13.00 -1.28
N PRO B 549 -2.23 11.92 -1.48
CA PRO B 549 -2.58 10.64 -0.85
C PRO B 549 -2.86 10.77 0.66
N TRP B 550 -3.88 10.08 1.10
CA TRP B 550 -4.35 10.03 2.51
C TRP B 550 -5.00 11.32 3.00
N GLN B 551 -5.21 12.30 2.08
CA GLN B 551 -5.83 13.55 2.47
CA GLN B 551 -5.80 13.62 2.42
C GLN B 551 -7.32 13.66 2.07
N GLU B 552 -8.08 12.60 2.40
CA GLU B 552 -9.53 12.56 2.12
C GLU B 552 -10.28 13.68 2.82
N GLU B 553 -9.92 13.95 4.09
CA GLU B 553 -10.59 15.01 4.88
C GLU B 553 -10.36 16.38 4.25
N LEU B 554 -9.13 16.68 3.77
CA LEU B 554 -8.86 17.95 3.10
C LEU B 554 -9.61 17.97 1.74
N CYS B 555 -9.63 16.81 1.05
CA CYS B 555 -10.36 16.72 -0.22
C CYS B 555 -11.83 17.08 0.02
N LEU B 556 -12.41 16.49 1.07
CA LEU B 556 -13.83 16.73 1.42
C LEU B 556 -14.04 18.18 1.89
N ARG B 557 -13.09 18.76 2.63
CA ARG B 557 -13.17 20.17 3.07
C ARG B 557 -13.29 21.08 1.85
N PHE B 558 -12.52 20.78 0.81
CA PHE B 558 -12.51 21.55 -0.43
C PHE B 558 -13.82 21.32 -1.20
N MET B 559 -14.28 20.06 -1.28
CA MET B 559 -15.54 19.74 -1.97
C MET B 559 -16.69 20.49 -1.29
N ARG B 560 -16.66 20.52 0.05
CA ARG B 560 -17.67 21.22 0.86
C ARG B 560 -17.65 22.73 0.48
N GLU B 561 -16.45 23.29 0.30
CA GLU B 561 -16.26 24.67 -0.11
C GLU B 561 -16.89 24.92 -1.48
N VAL B 562 -16.57 24.06 -2.47
CA VAL B 562 -17.12 24.15 -3.81
C VAL B 562 -18.67 24.08 -3.79
N GLU B 563 -19.20 23.10 -3.09
CA GLU B 563 -20.65 22.90 -2.98
C GLU B 563 -21.31 24.16 -2.36
N GLN B 564 -20.74 24.68 -1.28
CA GLN B 564 -21.29 25.88 -0.61
C GLN B 564 -21.29 27.08 -1.57
N LEU B 565 -20.18 27.33 -2.28
CA LEU B 565 -20.06 28.47 -3.21
C LEU B 565 -20.91 28.35 -4.47
N MET B 566 -21.08 27.13 -4.98
CA MET B 566 -21.81 26.93 -6.24
C MET B 566 -23.26 26.54 -6.09
N THR B 567 -23.62 25.93 -4.97
CA THR B 567 -24.97 25.46 -4.69
C THR B 567 -25.20 25.70 -3.18
N PRO B 568 -25.30 26.99 -2.73
CA PRO B 568 -25.45 27.25 -1.28
C PRO B 568 -26.66 26.63 -0.57
N GLN B 569 -27.74 26.31 -1.31
CA GLN B 569 -28.96 25.70 -0.76
C GLN B 569 -28.72 24.27 -0.23
N LYS B 570 -27.72 23.57 -0.78
CA LYS B 570 -27.35 22.18 -0.41
C LYS B 570 -26.77 22.05 1.01
N GLN B 571 -26.44 23.19 1.66
CA GLN B 571 -25.86 23.25 3.02
C GLN B 571 -26.74 24.09 3.97
N PRO B 572 -26.55 23.99 5.28
CA PRO B 572 -27.29 24.86 6.19
C PRO B 572 -27.02 26.29 5.76
N SER B 573 -28.07 27.08 5.55
CA SER B 573 -27.93 28.47 5.14
C SER B 573 -28.38 29.43 6.24
#